data_4M6U
#
_entry.id   4M6U
#
_cell.length_a   149.350
_cell.length_b   149.350
_cell.length_c   177.752
_cell.angle_alpha   90.00
_cell.angle_beta   90.00
_cell.angle_gamma   90.00
#
_symmetry.space_group_name_H-M   'I 4 2 2'
#
loop_
_entity.id
_entity.type
_entity.pdbx_description
1 polymer 'Mandelate racemase'
2 non-polymer 'MAGNESIUM ION'
3 non-polymer TARTRONATE
4 water water
#
_entity_poly.entity_id   1
_entity_poly.type   'polypeptide(L)'
_entity_poly.pdbx_seq_one_letter_code
;MASWSHPQFEKGALEVLFQGPGYHMSEVLITGLRTRAVNVPLAYPVHTAVGTVGTAPLVLIDLATSAGVVGHSYLFAYTP
VALKSLKQLLDDMAAMIVNEPLAPVSLEAMLAKRFCLAGYTGLIRMAAAGIDMAAWDALGKVHETPLVKLLGANARPVQA
YDSHSLDGVKLATERAVTAAELGFRAVKTKIGYPALDQDLAVVRSIRQAVGDDFGIMVDYNQSLDVPAAIKRSQALQQEG
VTWIEEPTLQHDYEGHQRIQSKLNVPVQMGENWLGPEEMFKALSIGACRLAMPDAMKIGGVTGWIRASALAQQFGIPMSS
HLFQEISAHLLAATPTAHWLERLDLAGSVIEPTLTFEGGNAVIPDLPGVGIIWREKEIGKYLV
;
_entity_poly.pdbx_strand_id   A,B
#
loop_
_chem_comp.id
_chem_comp.type
_chem_comp.name
_chem_comp.formula
MG non-polymer 'MAGNESIUM ION' 'Mg 2'
TTN non-polymer TARTRONATE 'C3 H2 O5 -2'
#
# COMPACT_ATOMS: atom_id res chain seq x y z
N GLU A 27 -6.56 27.16 -15.20
CA GLU A 27 -6.31 27.68 -16.59
C GLU A 27 -5.00 27.21 -17.26
N VAL A 28 -3.85 27.03 -16.59
CA VAL A 28 -2.85 26.14 -17.20
C VAL A 28 -3.31 24.69 -17.00
N LEU A 29 -3.33 23.93 -18.10
CA LEU A 29 -3.78 22.55 -18.05
C LEU A 29 -2.65 21.60 -18.32
N ILE A 30 -2.76 20.38 -17.80
CA ILE A 30 -1.88 19.30 -18.16
C ILE A 30 -2.29 18.79 -19.56
N THR A 31 -1.29 18.67 -20.43
CA THR A 31 -1.58 18.23 -21.83
C THR A 31 -0.99 16.91 -22.21
N GLY A 32 -0.14 16.34 -21.33
CA GLY A 32 0.46 15.05 -21.62
C GLY A 32 1.14 14.47 -20.44
N LEU A 33 1.25 13.13 -20.43
CA LEU A 33 2.07 12.44 -19.42
C LEU A 33 2.93 11.44 -20.18
N ARG A 34 4.23 11.48 -19.96
CA ARG A 34 5.12 10.52 -20.54
C ARG A 34 5.92 9.85 -19.47
N THR A 35 6.09 8.54 -19.59
CA THR A 35 6.92 7.78 -18.68
C THR A 35 7.99 7.02 -19.43
N ARG A 36 9.17 6.91 -18.82
CA ARG A 36 10.28 6.09 -19.29
C ARG A 36 10.86 5.23 -18.15
N ALA A 37 10.90 3.91 -18.35
CA ALA A 37 11.47 3.04 -17.34
C ALA A 37 12.89 2.83 -17.65
N VAL A 38 13.74 3.02 -16.66
CA VAL A 38 15.16 2.83 -16.82
C VAL A 38 15.72 2.01 -15.65
N ASN A 39 16.85 1.34 -15.90
CA ASN A 39 17.63 0.66 -14.88
CA ASN A 39 17.59 0.68 -14.84
C ASN A 39 18.98 1.31 -14.92
N VAL A 40 19.25 2.20 -13.98
CA VAL A 40 20.45 3.05 -14.09
C VAL A 40 21.62 2.67 -13.17
N PRO A 41 22.86 2.97 -13.62
CA PRO A 41 24.03 2.66 -12.78
C PRO A 41 24.20 3.64 -11.62
N LEU A 42 24.62 3.09 -10.51
CA LEU A 42 24.96 3.85 -9.30
C LEU A 42 26.48 4.04 -9.18
N ALA A 43 26.93 4.97 -8.33
N ALA A 43 26.84 5.33 -8.95
CA ALA A 43 28.31 4.83 -7.75
CA ALA A 43 28.23 5.79 -8.93
C ALA A 43 28.65 3.43 -7.10
C ALA A 43 29.01 4.91 -7.98
N TYR A 44 27.90 2.98 -6.09
N TYR A 44 28.38 4.58 -6.86
CA TYR A 44 28.19 1.71 -5.37
CA TYR A 44 28.86 3.51 -6.02
C TYR A 44 26.90 0.96 -5.03
C TYR A 44 27.83 2.41 -5.92
N PRO A 45 26.87 -0.37 -5.23
N PRO A 45 28.27 1.16 -6.12
CA PRO A 45 25.64 -1.13 -4.91
CA PRO A 45 27.43 -0.01 -5.85
C PRO A 45 25.15 -0.95 -3.47
C PRO A 45 26.89 -0.04 -4.43
N VAL A 46 23.85 -0.74 -3.29
N VAL A 46 25.70 -0.62 -4.26
CA VAL A 46 23.31 -0.53 -1.95
CA VAL A 46 25.14 -0.75 -2.94
C VAL A 46 23.02 -1.88 -1.26
C VAL A 46 25.25 -2.18 -2.45
N HIS A 47 24.01 -2.41 -0.57
N HIS A 47 26.05 -2.38 -1.40
CA HIS A 47 23.82 -3.64 0.18
CA HIS A 47 26.22 -3.72 -0.87
C HIS A 47 23.01 -3.31 1.44
C HIS A 47 25.16 -4.05 0.19
N THR A 48 22.04 -4.15 1.79
N THR A 48 24.54 -5.22 0.05
CA THR A 48 21.33 -4.01 3.07
CA THR A 48 23.39 -5.65 0.87
C THR A 48 21.21 -5.34 3.75
C THR A 48 23.67 -7.02 1.48
N ALA A 49 20.79 -5.29 5.00
N ALA A 49 22.87 -7.42 2.44
CA ALA A 49 20.65 -6.47 5.83
CA ALA A 49 23.12 -8.70 3.09
C ALA A 49 19.53 -7.35 5.31
C ALA A 49 22.81 -9.79 2.10
N VAL A 50 18.71 -6.81 4.40
N VAL A 50 21.97 -9.51 1.11
CA VAL A 50 17.63 -7.55 3.82
CA VAL A 50 21.70 -10.54 0.13
C VAL A 50 17.79 -7.74 2.31
C VAL A 50 22.40 -10.35 -1.21
N GLY A 51 18.96 -7.44 1.77
N GLY A 51 23.29 -9.35 -1.34
CA GLY A 51 19.18 -7.59 0.32
CA GLY A 51 24.13 -9.24 -2.55
C GLY A 51 19.85 -6.41 -0.40
C GLY A 51 24.47 -7.82 -2.97
N THR A 52 20.38 -6.68 -1.59
N THR A 52 25.17 -7.66 -4.09
CA THR A 52 21.20 -5.71 -2.31
CA THR A 52 25.58 -6.34 -4.56
C THR A 52 20.41 -5.09 -3.45
C THR A 52 24.65 -5.81 -5.66
N VAL A 53 20.55 -3.76 -3.58
N VAL A 53 24.08 -4.64 -5.43
CA VAL A 53 20.15 -2.94 -4.75
CA VAL A 53 23.16 -4.02 -6.38
C VAL A 53 21.37 -2.41 -5.57
C VAL A 53 23.83 -2.84 -7.03
N GLY A 54 21.69 -2.90 -6.80
N GLY A 54 23.95 -2.94 -8.34
CA GLY A 54 22.95 -2.50 -7.63
CA GLY A 54 24.71 -2.00 -9.07
C GLY A 54 23.10 -1.27 -8.62
C GLY A 54 23.79 -1.04 -9.73
N THR A 55 22.48 -1.36 -9.79
CA THR A 55 21.64 -0.33 -10.41
C THR A 55 20.29 -0.02 -9.69
N ALA A 56 19.63 1.05 -10.12
CA ALA A 56 18.35 1.52 -9.60
C ALA A 56 17.28 1.51 -10.68
N PRO A 57 16.15 0.83 -10.43
CA PRO A 57 15.03 0.91 -11.35
C PRO A 57 14.18 2.17 -11.08
N LEU A 58 14.12 3.07 -12.07
CA LEU A 58 13.42 4.35 -11.94
C LEU A 58 12.37 4.48 -13.04
N VAL A 59 11.33 5.22 -12.77
CA VAL A 59 10.42 5.65 -13.79
C VAL A 59 10.56 7.17 -13.92
N LEU A 60 10.93 7.63 -15.11
CA LEU A 60 11.12 9.11 -15.35
C LEU A 60 9.81 9.67 -15.89
N ILE A 61 9.35 10.81 -15.36
CA ILE A 61 8.03 11.31 -15.62
C ILE A 61 8.19 12.74 -16.20
N ASP A 62 7.50 12.94 -17.32
CA ASP A 62 7.36 14.26 -17.98
C ASP A 62 5.90 14.63 -18.08
N LEU A 63 5.55 15.78 -17.49
CA LEU A 63 4.19 16.27 -17.49
C LEU A 63 4.15 17.52 -18.38
N ALA A 64 3.62 17.36 -19.61
CA ALA A 64 3.53 18.48 -20.55
C ALA A 64 2.39 19.36 -20.12
N THR A 65 2.50 20.67 -20.42
CA THR A 65 1.45 21.62 -20.12
C THR A 65 1.08 22.59 -21.27
N SER A 66 -0.08 23.22 -21.11
CA SER A 66 -0.59 24.25 -22.04
C SER A 66 0.24 25.53 -21.98
N ALA A 67 1.12 25.64 -20.98
CA ALA A 67 2.04 26.75 -20.87
C ALA A 67 3.38 26.40 -21.55
N GLY A 68 3.50 25.22 -22.19
CA GLY A 68 4.71 24.85 -22.86
C GLY A 68 5.74 24.16 -22.02
N VAL A 69 5.87 24.62 -20.77
CA VAL A 69 6.86 24.06 -19.90
C VAL A 69 6.48 22.63 -19.63
N VAL A 70 7.49 21.85 -19.26
CA VAL A 70 7.28 20.44 -18.94
C VAL A 70 7.82 20.17 -17.51
N GLY A 71 6.96 19.61 -16.67
CA GLY A 71 7.37 19.14 -15.35
C GLY A 71 8.11 17.83 -15.36
N HIS A 72 9.18 17.70 -14.59
CA HIS A 72 9.98 16.50 -14.51
C HIS A 72 9.99 15.97 -13.07
N SER A 73 9.86 14.65 -12.92
CA SER A 73 10.08 13.97 -11.64
C SER A 73 10.50 12.54 -11.96
N TYR A 74 10.80 11.77 -10.93
CA TYR A 74 11.00 10.33 -11.10
C TYR A 74 10.53 9.60 -9.86
N LEU A 75 10.23 8.32 -10.07
CA LEU A 75 9.92 7.36 -9.04
C LEU A 75 11.05 6.33 -8.95
N PHE A 76 11.21 5.82 -7.74
CA PHE A 76 12.12 4.69 -7.47
C PHE A 76 11.21 3.50 -7.23
N ALA A 77 11.46 2.41 -7.96
CA ALA A 77 10.67 1.18 -7.85
C ALA A 77 11.20 0.12 -6.86
N TYR A 78 12.39 0.35 -6.29
CA TYR A 78 13.09 -0.49 -5.31
C TYR A 78 13.69 -1.77 -5.87
N THR A 79 12.84 -2.50 -6.56
CA THR A 79 13.19 -3.76 -7.22
C THR A 79 12.71 -3.75 -8.65
N PRO A 80 13.50 -4.30 -9.57
CA PRO A 80 13.07 -4.37 -10.93
C PRO A 80 11.78 -5.15 -11.10
N VAL A 81 11.42 -5.99 -10.12
CA VAL A 81 10.18 -6.72 -10.19
C VAL A 81 8.97 -5.82 -10.26
N ALA A 82 9.06 -4.60 -9.69
CA ALA A 82 7.90 -3.68 -9.66
C ALA A 82 7.98 -2.62 -10.77
N LEU A 83 9.08 -2.60 -11.54
CA LEU A 83 9.35 -1.47 -12.45
C LEU A 83 8.29 -1.35 -13.57
N LYS A 84 8.08 -2.44 -14.34
CA LYS A 84 7.06 -2.40 -15.38
C LYS A 84 5.68 -2.16 -14.91
N SER A 85 5.34 -2.69 -13.73
CA SER A 85 4.05 -2.52 -13.15
C SER A 85 3.80 -1.04 -12.84
N LEU A 86 4.82 -0.41 -12.26
CA LEU A 86 4.70 0.96 -11.86
C LEU A 86 4.56 1.88 -13.07
N LYS A 87 5.36 1.64 -14.10
CA LYS A 87 5.23 2.40 -15.37
CA LYS A 87 5.23 2.38 -15.36
C LYS A 87 3.83 2.24 -15.96
N GLN A 88 3.32 1.00 -16.02
CA GLN A 88 1.98 0.73 -16.58
C GLN A 88 0.88 1.44 -15.79
N LEU A 89 0.99 1.41 -14.46
CA LEU A 89 0.00 2.09 -13.66
C LEU A 89 -0.06 3.59 -13.95
N LEU A 90 1.10 4.21 -13.99
CA LEU A 90 1.15 5.63 -14.30
C LEU A 90 0.55 5.92 -15.68
N ASP A 91 0.93 5.08 -16.66
CA ASP A 91 0.39 5.25 -18.02
C ASP A 91 -1.11 5.19 -18.01
N ASP A 92 -1.70 4.27 -17.23
CA ASP A 92 -3.14 4.19 -17.18
C ASP A 92 -3.77 5.33 -16.36
N MET A 93 -3.02 5.87 -15.41
CA MET A 93 -3.45 7.03 -14.64
C MET A 93 -3.49 8.33 -15.41
N ALA A 94 -2.82 8.38 -16.59
CA ALA A 94 -2.85 9.57 -17.45
C ALA A 94 -4.27 10.01 -17.72
N ALA A 95 -5.20 9.07 -17.88
CA ALA A 95 -6.58 9.34 -18.16
C ALA A 95 -7.26 10.19 -17.10
N MET A 96 -6.79 10.13 -15.85
CA MET A 96 -7.33 10.92 -14.78
C MET A 96 -6.80 12.38 -14.69
N ILE A 97 -5.63 12.62 -15.27
CA ILE A 97 -4.98 13.91 -15.09
C ILE A 97 -4.87 14.77 -16.34
N VAL A 98 -4.82 14.15 -17.52
CA VAL A 98 -4.71 14.96 -18.76
C VAL A 98 -5.95 15.83 -18.95
N ASN A 99 -5.73 17.11 -19.31
CA ASN A 99 -6.76 18.14 -19.40
CA ASN A 99 -6.78 18.12 -19.43
C ASN A 99 -7.27 18.66 -18.07
N GLU A 100 -6.69 18.18 -16.96
CA GLU A 100 -6.98 18.81 -15.66
C GLU A 100 -6.11 20.04 -15.46
N PRO A 101 -6.59 21.01 -14.66
CA PRO A 101 -5.72 22.12 -14.32
C PRO A 101 -4.46 21.69 -13.54
N LEU A 102 -3.39 22.40 -13.78
CA LEU A 102 -2.10 22.18 -13.14
C LEU A 102 -2.21 22.79 -11.71
N ALA A 103 -2.84 22.07 -10.82
CA ALA A 103 -3.11 22.56 -9.45
C ALA A 103 -2.87 21.35 -8.58
N PRO A 104 -1.64 21.20 -8.11
CA PRO A 104 -1.28 19.92 -7.49
C PRO A 104 -2.14 19.56 -6.29
N VAL A 105 -2.56 20.52 -5.47
CA VAL A 105 -3.33 20.17 -4.27
C VAL A 105 -4.70 19.64 -4.69
N SER A 106 -5.27 20.25 -5.71
CA SER A 106 -6.57 19.80 -6.24
C SER A 106 -6.43 18.44 -6.96
N LEU A 107 -5.34 18.26 -7.71
CA LEU A 107 -5.07 16.98 -8.36
C LEU A 107 -4.96 15.83 -7.32
N GLU A 108 -4.27 16.14 -6.21
CA GLU A 108 -4.04 15.13 -5.16
C GLU A 108 -5.35 14.71 -4.52
N ALA A 109 -6.25 15.65 -4.28
CA ALA A 109 -7.53 15.32 -3.67
C ALA A 109 -8.37 14.44 -4.58
N MET A 110 -8.27 14.74 -5.87
CA MET A 110 -8.97 13.99 -6.89
C MET A 110 -8.47 12.56 -6.97
N LEU A 111 -7.15 12.37 -6.90
CA LEU A 111 -6.61 11.05 -6.98
C LEU A 111 -6.94 10.26 -5.70
N ALA A 112 -6.92 10.93 -4.55
CA ALA A 112 -7.28 10.24 -3.31
C ALA A 112 -8.70 9.69 -3.38
N LYS A 113 -9.59 10.48 -3.97
CA LYS A 113 -11.01 10.04 -4.12
C LYS A 113 -11.17 8.88 -5.13
N ARG A 114 -10.52 9.02 -6.28
CA ARG A 114 -10.61 7.99 -7.31
CA ARG A 114 -10.56 8.00 -7.35
C ARG A 114 -10.04 6.64 -6.89
N PHE A 115 -9.05 6.64 -5.99
CA PHE A 115 -8.46 5.40 -5.51
C PHE A 115 -8.91 4.99 -4.13
N CYS A 116 -10.01 5.54 -3.64
CA CYS A 116 -10.60 5.28 -2.29
CA CYS A 116 -10.40 5.23 -2.26
C CYS A 116 -10.83 3.77 -2.07
N LEU A 117 -11.34 3.11 -3.13
CA LEU A 117 -11.67 1.68 -3.06
C LEU A 117 -10.51 0.79 -3.29
N ALA A 118 -9.71 1.05 -4.33
CA ALA A 118 -8.56 0.28 -4.60
C ALA A 118 -7.51 0.24 -3.46
N GLY A 119 -7.41 1.37 -2.77
CA GLY A 119 -6.40 1.57 -1.70
C GLY A 119 -5.40 2.60 -2.12
N TYR A 120 -5.52 3.79 -1.54
CA TYR A 120 -4.64 4.92 -1.88
C TYR A 120 -3.29 4.80 -1.12
N THR A 121 -2.58 3.75 -1.43
CA THR A 121 -1.35 3.38 -0.75
C THR A 121 -0.49 2.60 -1.70
N GLY A 122 0.72 2.24 -1.27
CA GLY A 122 1.56 1.37 -2.09
C GLY A 122 1.89 1.99 -3.45
N LEU A 123 1.97 1.13 -4.47
CA LEU A 123 2.26 1.60 -5.83
C LEU A 123 1.38 2.70 -6.31
N ILE A 124 0.06 2.61 -6.06
CA ILE A 124 -0.85 3.68 -6.41
C ILE A 124 -0.44 5.04 -5.85
N ARG A 125 -0.13 5.07 -4.56
CA ARG A 125 0.25 6.31 -3.90
C ARG A 125 1.57 6.85 -4.40
N MET A 126 2.50 5.93 -4.67
CA MET A 126 3.79 6.29 -5.26
C MET A 126 3.63 6.95 -6.64
N ALA A 127 2.77 6.37 -7.45
CA ALA A 127 2.41 6.96 -8.76
C ALA A 127 1.83 8.35 -8.62
N ALA A 128 0.85 8.49 -7.73
CA ALA A 128 0.22 9.77 -7.45
C ALA A 128 1.26 10.80 -7.02
N ALA A 129 2.25 10.38 -6.20
CA ALA A 129 3.29 11.27 -5.78
C ALA A 129 4.24 11.70 -6.91
N GLY A 130 4.52 10.81 -7.85
CA GLY A 130 5.30 11.18 -9.05
C GLY A 130 4.62 12.27 -9.86
N ILE A 131 3.30 12.18 -10.01
CA ILE A 131 2.55 13.21 -10.65
C ILE A 131 2.64 14.50 -9.89
N ASP A 132 2.52 14.43 -8.55
CA ASP A 132 2.62 15.65 -7.74
C ASP A 132 3.93 16.36 -7.90
N MET A 133 5.02 15.63 -7.81
CA MET A 133 6.34 16.18 -7.89
C MET A 133 6.57 16.84 -9.27
N ALA A 134 6.07 16.22 -10.31
CA ALA A 134 6.23 16.81 -11.67
C ALA A 134 5.33 18.03 -11.83
N ALA A 135 4.15 18.03 -11.21
CA ALA A 135 3.21 19.13 -11.29
C ALA A 135 3.76 20.36 -10.57
N TRP A 136 4.38 20.18 -9.40
CA TRP A 136 5.06 21.31 -8.75
C TRP A 136 6.29 21.79 -9.49
N ASP A 137 7.04 20.91 -10.15
CA ASP A 137 8.13 21.35 -10.96
C ASP A 137 7.57 22.24 -12.10
N ALA A 138 6.51 21.77 -12.77
CA ALA A 138 5.88 22.59 -13.82
C ALA A 138 5.38 23.94 -13.30
N LEU A 139 4.79 23.95 -12.11
CA LEU A 139 4.21 25.18 -11.56
C LEU A 139 5.31 26.19 -11.26
N GLY A 140 6.48 25.71 -10.81
CA GLY A 140 7.60 26.57 -10.60
C GLY A 140 8.04 27.16 -11.95
N LYS A 141 8.08 26.31 -12.95
CA LYS A 141 8.42 26.74 -14.31
C LYS A 141 7.42 27.76 -14.90
N VAL A 142 6.15 27.59 -14.65
CA VAL A 142 5.11 28.54 -15.10
C VAL A 142 5.41 29.94 -14.51
N HIS A 143 5.84 29.95 -13.24
CA HIS A 143 6.17 31.19 -12.54
C HIS A 143 7.63 31.59 -12.58
N GLU A 144 8.45 30.90 -13.35
CA GLU A 144 9.87 31.14 -13.52
C GLU A 144 10.54 31.38 -12.16
N THR A 145 10.28 30.48 -11.22
CA THR A 145 10.81 30.63 -9.88
C THR A 145 11.19 29.24 -9.30
N PRO A 146 12.32 29.14 -8.57
CA PRO A 146 12.61 27.87 -7.92
C PRO A 146 11.53 27.44 -6.98
N LEU A 147 11.35 26.12 -6.86
CA LEU A 147 10.29 25.59 -6.07
C LEU A 147 10.30 26.14 -4.61
N VAL A 148 11.47 26.20 -4.02
CA VAL A 148 11.59 26.67 -2.61
C VAL A 148 10.93 28.05 -2.44
N LYS A 149 11.10 28.93 -3.44
CA LYS A 149 10.48 30.26 -3.39
C LYS A 149 8.98 30.25 -3.58
N LEU A 150 8.48 29.36 -4.46
CA LEU A 150 7.04 29.19 -4.69
C LEU A 150 6.35 28.70 -3.42
N LEU A 151 7.07 27.90 -2.65
CA LEU A 151 6.59 27.45 -1.30
C LEU A 151 6.67 28.53 -0.23
N GLY A 152 7.22 29.69 -0.54
CA GLY A 152 7.24 30.82 0.41
C GLY A 152 8.52 30.90 1.24
N ALA A 153 9.52 30.09 0.93
CA ALA A 153 10.78 30.09 1.64
C ALA A 153 11.96 30.60 0.81
N ASN A 154 13.08 30.82 1.48
CA ASN A 154 14.31 31.29 0.90
C ASN A 154 15.21 30.03 0.70
N ALA A 155 15.99 29.96 -0.35
CA ALA A 155 17.05 28.96 -0.43
C ALA A 155 18.06 29.19 0.68
N ARG A 156 18.51 28.12 1.30
CA ARG A 156 19.65 28.17 2.19
C ARG A 156 20.40 26.86 2.03
N PRO A 157 21.66 26.85 2.40
CA PRO A 157 22.35 25.56 2.37
C PRO A 157 21.82 24.60 3.43
N VAL A 158 21.76 23.31 3.10
CA VAL A 158 21.19 22.32 4.01
C VAL A 158 22.23 21.22 4.27
N GLN A 159 22.58 20.97 5.53
CA GLN A 159 23.59 19.98 5.84
C GLN A 159 23.17 18.58 5.32
N ALA A 160 24.09 17.89 4.71
CA ALA A 160 23.87 16.58 4.13
C ALA A 160 24.83 15.56 4.71
N TYR A 161 24.38 14.32 4.84
CA TYR A 161 25.22 13.19 5.13
C TYR A 161 25.35 12.30 3.96
N ASP A 162 26.51 11.67 3.81
CA ASP A 162 26.69 10.79 2.68
C ASP A 162 26.28 9.35 3.05
N SER A 163 25.40 8.78 2.25
CA SER A 163 24.77 7.53 2.59
C SER A 163 25.45 6.38 1.89
N HIS A 164 26.00 5.48 2.71
CA HIS A 164 26.76 4.28 2.26
C HIS A 164 25.98 3.01 2.47
N SER A 165 26.65 1.88 2.53
CA SER A 165 25.91 0.61 2.56
C SER A 165 26.50 -0.43 3.47
N LEU A 166 26.11 -1.69 3.31
CA LEU A 166 26.60 -2.77 4.17
C LEU A 166 27.91 -3.21 3.60
N ASP A 167 28.93 -2.43 3.87
CA ASP A 167 30.17 -2.41 3.07
C ASP A 167 31.31 -3.26 3.59
N GLY A 168 31.17 -3.78 4.81
CA GLY A 168 32.28 -4.36 5.54
C GLY A 168 33.22 -3.32 6.09
N VAL A 169 34.12 -3.72 6.99
CA VAL A 169 34.96 -2.76 7.71
C VAL A 169 35.86 -1.94 6.76
N LYS A 170 36.50 -2.63 5.83
CA LYS A 170 37.47 -1.96 4.94
CA LYS A 170 37.47 -1.97 4.94
C LYS A 170 36.82 -0.92 4.02
N LEU A 171 35.81 -1.30 3.26
CA LEU A 171 35.20 -0.37 2.36
C LEU A 171 34.41 0.75 3.13
N ALA A 172 33.72 0.38 4.21
CA ALA A 172 33.02 1.43 5.01
C ALA A 172 33.99 2.53 5.46
N THR A 173 35.17 2.13 5.92
CA THR A 173 36.14 3.07 6.43
C THR A 173 36.68 3.96 5.30
N GLU A 174 36.93 3.35 4.15
CA GLU A 174 37.42 4.09 2.97
C GLU A 174 36.40 5.10 2.49
N ARG A 175 35.15 4.66 2.37
CA ARG A 175 34.07 5.58 1.96
C ARG A 175 33.88 6.74 2.93
N ALA A 176 34.01 6.47 4.23
CA ALA A 176 33.91 7.53 5.26
C ALA A 176 35.02 8.56 5.14
N VAL A 177 36.25 8.07 4.94
CA VAL A 177 37.39 8.97 4.75
C VAL A 177 37.23 9.89 3.54
N THR A 178 36.77 9.33 2.42
CA THR A 178 36.56 10.07 1.18
C THR A 178 35.48 11.11 1.42
N ALA A 179 34.40 10.71 2.10
CA ALA A 179 33.33 11.71 2.41
C ALA A 179 33.80 12.85 3.28
N ALA A 180 34.54 12.57 4.33
CA ALA A 180 35.07 13.58 5.19
C ALA A 180 35.99 14.54 4.40
N GLU A 181 36.75 13.98 3.48
CA GLU A 181 37.69 14.79 2.64
C GLU A 181 36.94 15.74 1.76
N LEU A 182 35.78 15.30 1.27
CA LEU A 182 34.90 16.14 0.47
C LEU A 182 34.09 17.18 1.22
N GLY A 183 34.17 17.20 2.56
CA GLY A 183 33.50 18.19 3.39
C GLY A 183 32.20 17.77 4.11
N PHE A 184 31.75 16.55 3.86
CA PHE A 184 30.59 15.99 4.62
C PHE A 184 30.96 15.87 6.06
N ARG A 185 30.02 16.24 6.94
CA ARG A 185 30.22 16.15 8.37
C ARG A 185 29.59 14.93 9.01
N ALA A 186 28.97 14.09 8.20
CA ALA A 186 28.39 12.83 8.68
C ALA A 186 28.28 11.84 7.53
N VAL A 187 28.27 10.54 7.87
CA VAL A 187 27.94 9.48 6.94
C VAL A 187 26.99 8.50 7.60
N LYS A 188 26.30 7.74 6.77
CA LYS A 188 25.44 6.66 7.24
C LYS A 188 25.93 5.36 6.66
N THR A 189 26.04 4.34 7.52
CA THR A 189 26.38 3.00 7.09
C THR A 189 25.22 2.06 7.39
N LYS A 190 25.10 1.01 6.61
CA LYS A 190 24.03 0.03 6.81
C LYS A 190 24.62 -1.11 7.61
N ILE A 191 23.91 -1.50 8.66
CA ILE A 191 24.38 -2.55 9.57
C ILE A 191 23.31 -3.67 9.68
N GLY A 192 23.52 -4.63 10.59
CA GLY A 192 22.73 -5.86 10.64
C GLY A 192 23.48 -7.03 10.05
N TYR A 193 24.76 -7.09 10.34
CA TYR A 193 25.58 -8.26 10.01
C TYR A 193 25.12 -9.41 10.88
N PRO A 194 25.57 -10.64 10.55
CA PRO A 194 25.08 -11.76 11.36
C PRO A 194 25.32 -11.65 12.87
N ALA A 195 26.45 -11.08 13.26
CA ALA A 195 26.78 -10.82 14.66
C ALA A 195 26.83 -9.36 15.00
N LEU A 196 26.35 -9.04 16.19
CA LEU A 196 26.53 -7.72 16.77
C LEU A 196 28.02 -7.23 16.73
N ASP A 197 28.96 -8.12 17.03
CA ASP A 197 30.35 -7.70 17.01
C ASP A 197 30.84 -7.13 15.67
N GLN A 198 30.27 -7.61 14.56
CA GLN A 198 30.56 -7.13 13.21
C GLN A 198 29.98 -5.72 13.01
N ASP A 199 28.74 -5.48 13.50
CA ASP A 199 28.20 -4.12 13.51
C ASP A 199 29.11 -3.14 14.24
N LEU A 200 29.54 -3.51 15.45
CA LEU A 200 30.37 -2.68 16.29
C LEU A 200 31.77 -2.47 15.65
N ALA A 201 32.32 -3.50 15.03
CA ALA A 201 33.67 -3.37 14.38
C ALA A 201 33.68 -2.34 13.26
N VAL A 202 32.57 -2.28 12.51
CA VAL A 202 32.46 -1.31 11.44
C VAL A 202 32.31 0.10 12.01
N VAL A 203 31.41 0.30 12.99
CA VAL A 203 31.26 1.60 13.57
C VAL A 203 32.57 2.09 14.19
N ARG A 204 33.26 1.20 14.91
CA ARG A 204 34.52 1.56 15.59
CA ARG A 204 34.53 1.58 15.59
C ARG A 204 35.59 2.00 14.59
N SER A 205 35.71 1.26 13.49
CA SER A 205 36.66 1.59 12.43
C SER A 205 36.44 2.93 11.75
N ILE A 206 35.16 3.22 11.45
CA ILE A 206 34.81 4.52 10.93
C ILE A 206 35.18 5.63 11.94
N ARG A 207 34.77 5.47 13.19
CA ARG A 207 35.00 6.45 14.19
C ARG A 207 36.48 6.81 14.33
N GLN A 208 37.32 5.79 14.34
CA GLN A 208 38.75 6.02 14.42
C GLN A 208 39.26 6.84 13.24
N ALA A 209 38.76 6.57 12.03
CA ALA A 209 39.12 7.32 10.84
C ALA A 209 38.60 8.74 10.72
N VAL A 210 37.42 9.01 11.24
CA VAL A 210 36.80 10.34 11.07
C VAL A 210 36.86 11.24 12.30
N GLY A 211 37.11 10.72 13.51
CA GLY A 211 37.18 11.52 14.73
C GLY A 211 35.86 11.63 15.46
N ASP A 212 35.87 12.18 16.68
CA ASP A 212 34.67 12.24 17.52
C ASP A 212 33.61 13.26 17.08
N ASP A 213 34.08 14.34 16.47
CA ASP A 213 33.23 15.45 15.99
C ASP A 213 32.81 15.13 14.50
N PHE A 214 32.06 14.06 14.35
CA PHE A 214 31.62 13.59 13.02
C PHE A 214 30.38 12.71 13.26
N GLY A 215 29.37 12.81 12.42
CA GLY A 215 28.18 11.97 12.60
C GLY A 215 28.35 10.61 11.95
N ILE A 216 27.97 9.56 12.67
CA ILE A 216 27.88 8.20 12.13
C ILE A 216 26.45 7.74 12.38
N MET A 217 25.62 7.84 11.34
CA MET A 217 24.23 7.32 11.37
C MET A 217 24.30 5.82 11.05
N VAL A 218 23.44 5.00 11.64
CA VAL A 218 23.40 3.59 11.28
C VAL A 218 21.96 3.16 10.92
N ASP A 219 21.85 2.23 9.96
CA ASP A 219 20.56 1.82 9.37
C ASP A 219 20.48 0.28 9.41
N TYR A 220 19.52 -0.23 10.19
CA TYR A 220 19.20 -1.66 10.24
C TYR A 220 18.29 -2.23 9.17
N ASN A 221 17.63 -1.36 8.39
CA ASN A 221 16.75 -1.76 7.29
C ASN A 221 15.76 -2.86 7.72
N GLN A 222 15.14 -2.64 8.89
CA GLN A 222 14.03 -3.50 9.38
C GLN A 222 14.42 -4.91 9.83
N SER A 223 15.73 -5.15 10.03
CA SER A 223 16.26 -6.52 10.06
C SER A 223 16.25 -7.21 11.41
N LEU A 224 15.88 -6.51 12.45
CA LEU A 224 15.85 -7.08 13.81
C LEU A 224 14.46 -7.18 14.42
N ASP A 225 14.28 -8.18 15.30
CA ASP A 225 13.09 -8.19 16.17
C ASP A 225 13.35 -7.22 17.32
N VAL A 226 12.28 -6.88 18.07
CA VAL A 226 12.42 -5.90 19.16
C VAL A 226 13.49 -6.21 20.21
N PRO A 227 13.50 -7.42 20.78
CA PRO A 227 14.57 -7.70 21.76
C PRO A 227 15.94 -7.61 21.14
N ALA A 228 16.14 -8.17 19.95
CA ALA A 228 17.46 -8.05 19.33
C ALA A 228 17.88 -6.56 19.09
N ALA A 229 16.90 -5.76 18.68
CA ALA A 229 17.11 -4.34 18.45
C ALA A 229 17.46 -3.58 19.73
N ILE A 230 16.85 -3.96 20.85
CA ILE A 230 17.19 -3.31 22.13
C ILE A 230 18.66 -3.66 22.47
N LYS A 231 19.00 -4.93 22.32
CA LYS A 231 20.37 -5.39 22.69
C LYS A 231 21.42 -4.74 21.79
N ARG A 232 21.22 -4.81 20.49
CA ARG A 232 22.20 -4.24 19.56
C ARG A 232 22.26 -2.72 19.69
N SER A 233 21.10 -2.09 19.81
CA SER A 233 21.10 -0.64 19.90
C SER A 233 21.72 -0.09 21.18
N GLN A 234 21.53 -0.74 22.32
CA GLN A 234 22.19 -0.28 23.53
C GLN A 234 23.72 -0.44 23.41
N ALA A 235 24.16 -1.48 22.72
CA ALA A 235 25.61 -1.64 22.44
C ALA A 235 26.16 -0.54 21.49
N LEU A 236 25.42 -0.21 20.43
CA LEU A 236 25.81 0.86 19.50
C LEU A 236 25.80 2.22 20.22
N GLN A 237 24.82 2.44 21.12
CA GLN A 237 24.75 3.68 21.88
C GLN A 237 25.97 3.91 22.73
N GLN A 238 26.50 2.84 23.30
CA GLN A 238 27.71 2.90 24.08
CA GLN A 238 27.73 2.90 24.07
C GLN A 238 28.91 3.30 23.21
N GLU A 239 28.94 2.82 21.98
CA GLU A 239 30.02 3.16 21.03
CA GLU A 239 30.04 3.11 21.07
C GLU A 239 29.99 4.59 20.66
N GLY A 240 28.80 5.13 20.43
CA GLY A 240 28.62 6.48 19.97
C GLY A 240 28.19 6.49 18.49
N VAL A 241 26.87 6.60 18.29
CA VAL A 241 26.29 6.78 16.95
C VAL A 241 25.26 7.93 17.00
N THR A 242 24.89 8.45 15.84
CA THR A 242 24.07 9.63 15.75
C THR A 242 22.57 9.32 15.78
N TRP A 243 22.18 8.22 15.16
CA TRP A 243 20.82 7.70 15.26
C TRP A 243 20.80 6.25 14.87
N ILE A 244 19.70 5.58 15.19
CA ILE A 244 19.53 4.16 14.84
C ILE A 244 18.23 4.10 14.00
N GLU A 245 18.39 3.78 12.75
CA GLU A 245 17.33 3.82 11.76
C GLU A 245 16.70 2.47 11.46
N GLU A 246 15.35 2.50 11.38
CA GLU A 246 14.49 1.34 11.16
C GLU A 246 15.03 0.03 11.77
N PRO A 247 15.16 -0.02 13.09
CA PRO A 247 15.59 -1.24 13.74
C PRO A 247 14.70 -2.46 13.50
N THR A 248 13.38 -2.25 13.30
CA THR A 248 12.52 -3.42 13.12
C THR A 248 11.54 -3.17 11.95
N LEU A 249 10.62 -4.10 11.77
CA LEU A 249 9.62 -3.99 10.69
C LEU A 249 8.97 -2.61 10.66
N GLN A 250 8.91 -2.00 9.47
CA GLN A 250 8.60 -0.61 9.33
C GLN A 250 7.22 -0.27 9.79
N HIS A 251 6.28 -1.21 9.61
CA HIS A 251 4.88 -0.94 9.98
C HIS A 251 4.60 -1.07 11.47
N ASP A 252 5.59 -1.59 12.20
CA ASP A 252 5.40 -1.93 13.65
C ASP A 252 5.78 -0.71 14.47
N TYR A 253 4.86 0.23 14.52
CA TYR A 253 5.12 1.47 15.25
C TYR A 253 5.22 1.24 16.76
N GLU A 254 4.40 0.31 17.28
CA GLU A 254 4.45 -0.04 18.69
C GLU A 254 5.83 -0.63 19.04
N GLY A 255 6.36 -1.46 18.16
CA GLY A 255 7.65 -2.07 18.36
C GLY A 255 8.76 -1.05 18.37
N HIS A 256 8.69 -0.07 17.44
CA HIS A 256 9.63 1.03 17.43
C HIS A 256 9.56 1.82 18.74
N GLN A 257 8.35 2.10 19.21
CA GLN A 257 8.16 2.74 20.51
C GLN A 257 8.84 1.97 21.65
N ARG A 258 8.72 0.64 21.63
CA ARG A 258 9.27 -0.16 22.71
C ARG A 258 10.79 -0.12 22.63
N ILE A 259 11.33 -0.12 21.41
CA ILE A 259 12.80 0.02 21.25
C ILE A 259 13.24 1.39 21.74
N GLN A 260 12.56 2.45 21.25
CA GLN A 260 12.95 3.81 21.61
C GLN A 260 12.89 4.01 23.14
N SER A 261 11.95 3.33 23.78
CA SER A 261 11.75 3.44 25.25
C SER A 261 13.01 3.01 26.01
N LYS A 262 13.83 2.16 25.41
CA LYS A 262 15.08 1.62 26.02
C LYS A 262 16.33 2.32 25.57
N LEU A 263 16.20 3.47 24.92
CA LEU A 263 17.36 4.18 24.36
C LEU A 263 17.38 5.65 24.66
N ASN A 264 18.60 6.17 24.81
CA ASN A 264 18.87 7.61 24.78
C ASN A 264 19.06 8.12 23.38
N VAL A 265 19.89 7.42 22.59
CA VAL A 265 20.09 7.74 21.18
C VAL A 265 18.67 7.76 20.50
N PRO A 266 18.49 8.61 19.50
CA PRO A 266 17.14 8.65 18.85
C PRO A 266 16.98 7.52 17.84
N VAL A 267 15.81 6.92 17.85
CA VAL A 267 15.34 6.04 16.78
C VAL A 267 14.79 6.94 15.64
N GLN A 268 15.28 6.65 14.43
CA GLN A 268 14.91 7.33 13.20
C GLN A 268 14.10 6.39 12.32
N MET A 269 13.03 6.91 11.72
CA MET A 269 12.27 6.09 10.73
C MET A 269 11.48 7.07 9.87
N GLY A 270 10.77 6.52 8.89
CA GLY A 270 9.79 7.28 8.13
C GLY A 270 9.92 7.15 6.62
N GLU A 271 10.97 6.51 6.15
CA GLU A 271 11.19 6.36 4.71
C GLU A 271 10.09 5.50 4.07
N ASN A 272 9.47 4.67 4.87
CA ASN A 272 8.43 3.76 4.42
C ASN A 272 7.01 4.21 4.68
N TRP A 273 6.84 5.37 5.28
CA TRP A 273 5.48 5.93 5.49
C TRP A 273 4.83 6.27 4.17
N LEU A 274 3.62 5.71 3.92
CA LEU A 274 2.91 5.98 2.69
C LEU A 274 1.81 6.93 3.04
N GLY A 275 2.11 8.21 2.82
CA GLY A 275 1.28 9.35 3.14
C GLY A 275 1.49 9.88 4.56
N PRO A 276 1.10 11.14 4.79
CA PRO A 276 1.22 11.74 6.12
C PRO A 276 0.34 11.06 7.14
N GLU A 277 -0.74 10.36 6.67
CA GLU A 277 -1.56 9.62 7.59
C GLU A 277 -0.80 8.50 8.33
N GLU A 278 0.21 7.89 7.68
CA GLU A 278 1.00 6.85 8.33
CA GLU A 278 1.03 6.83 8.30
C GLU A 278 2.00 7.48 9.29
N MET A 279 2.63 8.58 8.87
CA MET A 279 3.45 9.38 9.81
C MET A 279 2.68 9.77 11.05
N PHE A 280 1.43 10.22 10.87
CA PHE A 280 0.62 10.62 12.02
C PHE A 280 0.40 9.49 13.03
N LYS A 281 0.12 8.31 12.52
CA LYS A 281 -0.12 7.14 13.36
C LYS A 281 1.16 6.82 14.15
N ALA A 282 2.30 6.90 13.50
CA ALA A 282 3.57 6.56 14.16
C ALA A 282 3.90 7.60 15.24
N LEU A 283 3.81 8.89 14.92
CA LEU A 283 4.17 9.91 15.90
C LEU A 283 3.14 9.96 17.05
N SER A 284 1.88 9.65 16.74
CA SER A 284 0.86 9.63 17.81
C SER A 284 1.16 8.66 18.95
N ILE A 285 1.90 7.59 18.67
CA ILE A 285 2.23 6.62 19.72
C ILE A 285 3.70 6.66 20.16
N GLY A 286 4.45 7.63 19.66
CA GLY A 286 5.82 7.81 20.10
C GLY A 286 6.77 6.77 19.58
N ALA A 287 6.62 6.40 18.31
CA ALA A 287 7.48 5.43 17.68
C ALA A 287 8.94 5.87 17.58
N CYS A 288 9.23 7.16 17.50
CA CYS A 288 10.58 7.58 17.09
C CYS A 288 10.81 9.00 17.56
N ARG A 289 12.06 9.40 17.79
CA ARG A 289 12.33 10.79 18.08
C ARG A 289 12.83 11.62 16.88
N LEU A 290 13.06 11.00 15.75
CA LEU A 290 13.44 11.64 14.52
C LEU A 290 12.57 11.10 13.42
N ALA A 291 12.34 11.90 12.35
CA ALA A 291 11.62 11.44 11.20
C ALA A 291 12.41 11.71 9.92
N MET A 292 12.20 10.87 8.91
CA MET A 292 12.76 11.07 7.57
C MET A 292 11.85 10.61 6.44
N PRO A 293 10.83 11.42 6.15
CA PRO A 293 9.93 11.03 5.07
C PRO A 293 10.68 10.90 3.72
N ASP A 294 10.12 10.05 2.88
CA ASP A 294 10.59 9.87 1.47
C ASP A 294 9.69 10.75 0.59
N ALA A 295 10.27 11.65 -0.24
CA ALA A 295 9.44 12.59 -1.02
C ALA A 295 8.37 11.87 -1.91
N MET A 296 8.69 10.66 -2.40
CA MET A 296 7.74 9.87 -3.16
C MET A 296 6.65 9.28 -2.20
N LYS A 297 7.10 8.42 -1.31
CA LYS A 297 6.10 7.70 -0.43
C LYS A 297 5.20 8.59 0.44
N ILE A 298 5.72 9.72 0.89
CA ILE A 298 4.97 10.62 1.74
C ILE A 298 3.86 11.36 0.95
N GLY A 299 3.89 11.29 -0.38
CA GLY A 299 2.90 11.96 -1.23
C GLY A 299 3.37 13.23 -1.96
N GLY A 300 4.67 13.26 -2.29
CA GLY A 300 5.27 14.34 -3.08
C GLY A 300 5.45 15.59 -2.29
N VAL A 301 5.47 16.71 -3.01
CA VAL A 301 5.49 18.01 -2.35
C VAL A 301 4.28 18.23 -1.44
N THR A 302 3.08 17.93 -1.96
CA THR A 302 1.90 18.17 -1.18
C THR A 302 1.93 17.40 0.12
N GLY A 303 2.32 16.14 0.04
CA GLY A 303 2.40 15.29 1.21
C GLY A 303 3.51 15.72 2.15
N TRP A 304 4.63 16.13 1.60
CA TRP A 304 5.79 16.58 2.35
C TRP A 304 5.47 17.80 3.20
N ILE A 305 4.83 18.80 2.63
CA ILE A 305 4.44 20.00 3.39
C ILE A 305 3.48 19.66 4.55
N ARG A 306 2.53 18.74 4.32
CA ARG A 306 1.69 18.24 5.41
C ARG A 306 2.52 17.53 6.50
N ALA A 307 3.41 16.65 6.08
CA ALA A 307 4.35 15.98 7.02
C ALA A 307 5.15 16.97 7.84
N SER A 308 5.59 18.03 7.18
CA SER A 308 6.37 19.10 7.78
CA SER A 308 6.43 19.04 7.85
C SER A 308 5.63 19.73 8.97
N ALA A 309 4.33 19.97 8.75
CA ALA A 309 3.50 20.56 9.77
C ALA A 309 3.34 19.60 10.96
N LEU A 310 3.20 18.29 10.70
CA LEU A 310 3.11 17.30 11.79
C LEU A 310 4.40 17.22 12.58
N ALA A 311 5.52 17.19 11.90
CA ALA A 311 6.82 17.08 12.57
C ALA A 311 7.03 18.29 13.48
N GLN A 312 6.62 19.45 13.00
CA GLN A 312 6.73 20.65 13.81
C GLN A 312 5.93 20.54 15.10
N GLN A 313 4.67 20.16 15.02
CA GLN A 313 3.87 20.05 16.24
C GLN A 313 4.33 18.98 17.21
N PHE A 314 4.75 17.82 16.69
CA PHE A 314 5.19 16.71 17.52
C PHE A 314 6.65 16.90 17.97
N GLY A 315 7.27 18.00 17.58
CA GLY A 315 8.63 18.27 18.04
C GLY A 315 9.64 17.27 17.53
N ILE A 316 9.57 16.94 16.24
CA ILE A 316 10.42 15.93 15.63
C ILE A 316 11.30 16.54 14.55
N PRO A 317 12.65 16.54 14.75
CA PRO A 317 13.55 16.96 13.70
C PRO A 317 13.35 16.08 12.45
N MET A 318 13.24 16.69 11.27
CA MET A 318 12.79 16.02 10.07
C MET A 318 13.85 16.07 8.96
N SER A 319 14.32 14.89 8.56
CA SER A 319 15.27 14.70 7.48
C SER A 319 14.61 14.14 6.24
N SER A 320 15.38 14.00 5.16
CA SER A 320 14.87 13.40 3.94
C SER A 320 15.38 11.98 3.74
N HIS A 321 14.76 11.30 2.79
CA HIS A 321 15.13 9.96 2.33
C HIS A 321 15.12 9.99 0.80
N LEU A 322 16.29 9.83 0.24
CA LEU A 322 16.49 9.80 -1.21
C LEU A 322 15.98 11.08 -1.85
N PHE A 323 15.73 11.06 -3.16
CA PHE A 323 15.17 12.24 -3.82
C PHE A 323 15.88 13.53 -3.47
N GLN A 324 17.20 13.51 -3.56
CA GLN A 324 18.01 14.67 -3.09
C GLN A 324 17.73 15.95 -3.85
N GLU A 325 17.39 15.84 -5.14
CA GLU A 325 17.12 17.04 -5.93
C GLU A 325 15.95 17.90 -5.39
N ILE A 326 14.80 17.27 -5.17
CA ILE A 326 13.64 17.99 -4.67
C ILE A 326 13.77 18.20 -3.14
N SER A 327 14.46 17.28 -2.46
CA SER A 327 14.52 17.34 -0.97
C SER A 327 15.30 18.54 -0.51
N ALA A 328 16.25 19.01 -1.32
CA ALA A 328 16.99 20.24 -0.97
C ALA A 328 16.01 21.42 -0.88
N HIS A 329 15.15 21.53 -1.88
CA HIS A 329 14.06 22.52 -1.84
C HIS A 329 13.14 22.36 -0.63
N LEU A 330 12.61 21.15 -0.46
CA LEU A 330 11.63 20.90 0.58
C LEU A 330 12.13 21.13 1.96
N LEU A 331 13.36 20.68 2.25
CA LEU A 331 13.95 20.90 3.59
C LEU A 331 14.12 22.37 3.93
N ALA A 332 14.41 23.20 2.92
CA ALA A 332 14.48 24.65 3.11
C ALA A 332 13.14 25.28 3.52
N ALA A 333 12.01 24.61 3.26
CA ALA A 333 10.70 25.03 3.72
C ALA A 333 10.16 24.27 4.96
N THR A 334 10.99 23.48 5.60
CA THR A 334 10.56 22.55 6.69
C THR A 334 10.99 23.13 8.04
N PRO A 335 10.03 23.48 8.89
CA PRO A 335 10.38 24.16 10.14
C PRO A 335 11.39 23.42 11.01
N THR A 336 11.33 22.09 11.04
CA THR A 336 12.24 21.30 11.88
C THR A 336 13.31 20.60 11.04
N ALA A 337 13.69 21.19 9.89
CA ALA A 337 14.64 20.56 8.99
C ALA A 337 15.88 20.11 9.75
N HIS A 338 16.38 18.91 9.45
CA HIS A 338 17.50 18.34 10.19
C HIS A 338 18.64 18.03 9.16
N TRP A 339 18.61 16.85 8.52
CA TRP A 339 19.56 16.45 7.50
C TRP A 339 18.95 16.12 6.13
N LEU A 340 19.76 16.38 5.09
CA LEU A 340 19.52 15.88 3.75
C LEU A 340 20.32 14.59 3.54
N GLU A 341 19.65 13.53 3.05
CA GLU A 341 20.32 12.29 2.70
C GLU A 341 20.92 12.41 1.30
N ARG A 342 22.25 12.36 1.21
CA ARG A 342 22.88 12.30 -0.10
C ARG A 342 23.01 10.83 -0.51
N LEU A 343 22.18 10.43 -1.45
CA LEU A 343 22.33 9.07 -2.07
C LEU A 343 21.86 9.28 -3.49
N ASP A 344 22.82 9.38 -4.41
CA ASP A 344 22.49 9.95 -5.72
C ASP A 344 22.01 8.87 -6.71
N LEU A 345 20.75 8.49 -6.64
CA LEU A 345 20.28 7.38 -7.45
C LEU A 345 20.13 7.76 -8.90
N ALA A 346 19.80 9.02 -9.18
CA ALA A 346 19.49 9.42 -10.53
C ALA A 346 20.60 10.23 -11.21
N GLY A 347 21.82 10.32 -10.63
CA GLY A 347 22.90 11.17 -11.18
C GLY A 347 23.29 10.81 -12.61
N SER A 348 23.10 9.54 -12.97
CA SER A 348 23.43 9.13 -14.36
CA SER A 348 23.38 9.05 -14.36
C SER A 348 22.51 9.70 -15.41
N VAL A 349 21.31 10.18 -15.02
CA VAL A 349 20.32 10.69 -15.95
C VAL A 349 19.81 12.11 -15.70
N ILE A 350 20.32 12.79 -14.67
CA ILE A 350 19.93 14.16 -14.28
C ILE A 350 21.20 15.00 -14.20
N GLU A 351 21.21 16.20 -14.78
CA GLU A 351 22.40 17.06 -14.75
C GLU A 351 22.68 17.44 -13.29
N PRO A 352 23.96 17.50 -12.89
CA PRO A 352 24.38 17.87 -11.55
C PRO A 352 24.29 19.32 -11.21
N THR A 353 23.08 19.84 -11.25
CA THR A 353 22.78 21.23 -10.87
C THR A 353 22.73 21.39 -9.37
N LEU A 354 22.39 20.34 -8.63
CA LEU A 354 22.51 20.36 -7.16
C LEU A 354 23.98 20.14 -6.82
N THR A 355 24.54 21.02 -6.02
CA THR A 355 25.92 20.90 -5.62
C THR A 355 26.06 20.80 -4.11
N PHE A 356 27.26 20.43 -3.67
CA PHE A 356 27.56 20.29 -2.24
C PHE A 356 28.80 21.10 -1.93
N GLU A 357 28.70 22.02 -1.00
CA GLU A 357 29.81 22.89 -0.60
C GLU A 357 29.92 22.77 0.90
N GLY A 358 31.06 22.34 1.41
CA GLY A 358 31.20 22.25 2.83
C GLY A 358 30.26 21.25 3.46
N GLY A 359 29.88 20.22 2.68
CA GLY A 359 28.90 19.19 3.12
C GLY A 359 27.45 19.65 3.12
N ASN A 360 27.18 20.85 2.61
CA ASN A 360 25.84 21.38 2.52
C ASN A 360 25.31 21.31 1.10
N ALA A 361 24.09 20.85 0.94
CA ALA A 361 23.43 20.89 -0.36
C ALA A 361 23.07 22.32 -0.72
N VAL A 362 23.29 22.66 -1.97
CA VAL A 362 23.08 24.05 -2.48
C VAL A 362 22.07 23.97 -3.61
N ILE A 363 20.89 24.53 -3.37
CA ILE A 363 19.82 24.51 -4.30
C ILE A 363 20.22 25.34 -5.55
N PRO A 364 20.00 24.79 -6.75
CA PRO A 364 20.32 25.63 -7.90
C PRO A 364 19.31 26.72 -8.18
N ASP A 365 19.82 27.82 -8.75
CA ASP A 365 18.95 28.90 -9.10
C ASP A 365 18.31 28.64 -10.47
N LEU A 366 17.33 27.75 -10.47
CA LEU A 366 16.64 27.33 -11.67
C LEU A 366 15.18 27.24 -11.34
N PRO A 367 14.35 27.42 -12.34
CA PRO A 367 12.89 27.32 -12.06
C PRO A 367 12.46 25.90 -11.63
N GLY A 368 11.41 25.81 -10.82
CA GLY A 368 10.93 24.49 -10.32
C GLY A 368 12.05 23.80 -9.54
N VAL A 369 12.22 22.49 -9.74
CA VAL A 369 13.16 21.69 -8.96
C VAL A 369 14.59 21.80 -9.42
N GLY A 370 14.83 22.26 -10.67
CA GLY A 370 16.20 22.24 -11.20
C GLY A 370 16.68 20.91 -11.79
N ILE A 371 15.74 20.03 -12.15
CA ILE A 371 16.04 18.78 -12.78
C ILE A 371 16.01 19.04 -14.31
N ILE A 372 17.12 18.72 -14.93
CA ILE A 372 17.30 18.72 -16.39
C ILE A 372 17.76 17.34 -16.81
N TRP A 373 17.01 16.67 -17.70
CA TRP A 373 17.40 15.32 -18.09
C TRP A 373 18.72 15.31 -18.91
N ARG A 374 19.50 14.26 -18.74
CA ARG A 374 20.63 13.96 -19.63
C ARG A 374 20.05 13.05 -20.73
N GLU A 375 19.50 13.67 -21.77
CA GLU A 375 18.69 12.93 -22.76
C GLU A 375 19.48 11.87 -23.45
N LYS A 376 20.75 12.13 -23.74
CA LYS A 376 21.57 11.11 -24.43
C LYS A 376 21.95 9.95 -23.51
N GLU A 377 22.00 10.20 -22.20
CA GLU A 377 22.31 9.10 -21.28
C GLU A 377 21.09 8.18 -21.05
N ILE A 378 19.90 8.78 -20.99
CA ILE A 378 18.67 8.01 -20.67
C ILE A 378 18.57 6.81 -21.65
N GLY A 379 18.82 7.07 -22.95
CA GLY A 379 18.73 6.00 -23.96
C GLY A 379 19.59 4.76 -23.72
N LYS A 380 20.68 4.91 -22.99
CA LYS A 380 21.52 3.78 -22.64
C LYS A 380 20.86 2.83 -21.66
N TYR A 381 19.85 3.27 -20.91
CA TYR A 381 19.38 2.54 -19.74
C TYR A 381 17.93 2.14 -19.78
N LEU A 382 17.25 2.45 -20.88
CA LEU A 382 15.84 2.11 -21.05
C LEU A 382 15.59 0.61 -20.99
N VAL A 383 14.48 0.26 -20.37
CA VAL A 383 14.00 -1.10 -20.18
C VAL A 383 12.76 -1.25 -21.00
N GLU B 27 9.05 -30.67 -1.09
CA GLU B 27 9.05 -31.58 -2.29
C GLU B 27 8.12 -31.10 -3.42
N VAL B 28 6.77 -31.11 -3.33
CA VAL B 28 5.93 -30.56 -4.44
C VAL B 28 6.35 -29.10 -4.66
N LEU B 29 6.65 -28.78 -5.93
CA LEU B 29 7.19 -27.47 -6.32
C LEU B 29 6.20 -26.73 -7.24
N ILE B 30 6.25 -25.39 -7.17
CA ILE B 30 5.59 -24.57 -8.16
C ILE B 30 6.45 -24.62 -9.43
N THR B 31 5.79 -24.81 -10.57
CA THR B 31 6.51 -24.92 -11.85
C THR B 31 6.17 -23.80 -12.79
N GLY B 32 5.10 -23.04 -12.53
CA GLY B 32 4.75 -21.92 -13.37
C GLY B 32 3.59 -21.08 -12.90
N LEU B 33 3.53 -19.88 -13.46
CA LEU B 33 2.46 -18.92 -13.13
C LEU B 33 1.89 -18.29 -14.40
N ARG B 34 0.58 -18.38 -14.58
CA ARG B 34 -0.06 -17.67 -15.67
C ARG B 34 -1.18 -16.79 -15.18
N THR B 35 -1.26 -15.57 -15.74
CA THR B 35 -2.30 -14.61 -15.43
C THR B 35 -3.05 -14.16 -16.69
N ARG B 36 -4.32 -13.90 -16.52
CA ARG B 36 -5.16 -13.30 -17.55
C ARG B 36 -6.01 -12.21 -16.96
N ALA B 37 -5.89 -11.04 -17.54
CA ALA B 37 -6.62 -9.87 -17.11
C ALA B 37 -7.93 -9.74 -17.90
N VAL B 38 -9.02 -9.67 -17.19
CA VAL B 38 -10.37 -9.62 -17.79
C VAL B 38 -11.19 -8.50 -17.20
N ASN B 39 -12.14 -7.98 -17.99
CA ASN B 39 -13.12 -7.09 -17.48
C ASN B 39 -14.45 -7.72 -17.69
N VAL B 40 -15.10 -8.15 -16.60
CA VAL B 40 -16.22 -9.11 -16.74
C VAL B 40 -17.51 -8.50 -16.41
N PRO B 41 -18.58 -9.00 -17.04
CA PRO B 41 -19.91 -8.46 -16.73
C PRO B 41 -20.46 -9.00 -15.40
N LEU B 42 -21.19 -8.16 -14.71
CA LEU B 42 -21.78 -8.49 -13.42
C LEU B 42 -23.24 -8.77 -13.65
N ALA B 43 -23.93 -9.33 -12.67
N ALA B 43 -23.64 -9.92 -13.06
CA ALA B 43 -25.39 -9.06 -12.59
CA ALA B 43 -24.97 -10.50 -13.24
C ALA B 43 -25.81 -7.74 -11.82
C ALA B 43 -26.00 -9.45 -12.90
N TYR B 44 -25.61 -6.54 -12.41
N TYR B 44 -25.75 -8.71 -11.83
CA TYR B 44 -26.01 -5.24 -11.76
CA TYR B 44 -26.48 -7.50 -11.60
C TYR B 44 -24.82 -4.35 -11.35
C TYR B 44 -25.53 -6.31 -11.53
N PRO B 45 -24.65 -3.14 -11.95
N PRO B 45 -25.76 -5.29 -12.37
CA PRO B 45 -23.51 -2.26 -11.58
CA PRO B 45 -25.05 -4.03 -12.26
C PRO B 45 -23.44 -1.87 -10.10
C PRO B 45 -25.05 -3.45 -10.84
N VAL B 46 -22.22 -1.85 -9.55
N VAL B 46 -24.05 -2.62 -10.57
CA VAL B 46 -22.08 -1.57 -8.12
CA VAL B 46 -23.91 -1.96 -9.29
C VAL B 46 -21.90 -0.08 -7.89
C VAL B 46 -24.00 -0.44 -9.42
N HIS B 47 -23.02 0.64 -7.77
N HIS B 47 -25.09 0.10 -8.89
CA HIS B 47 -23.00 2.06 -7.50
CA HIS B 47 -25.29 1.54 -8.95
C HIS B 47 -22.62 2.26 -6.04
C HIS B 47 -24.60 2.23 -7.78
N THR B 48 -21.64 3.13 -5.77
N THR B 48 -23.80 3.28 -8.05
CA THR B 48 -21.34 3.54 -4.38
CA THR B 48 -23.34 4.20 -6.99
C THR B 48 -21.38 5.07 -4.24
C THR B 48 -23.34 5.68 -7.40
N ALA B 49 -21.45 5.55 -3.01
N ALA B 49 -22.56 6.50 -6.71
CA ALA B 49 -21.36 6.98 -2.73
CA ALA B 49 -22.76 7.96 -6.74
C ALA B 49 -20.08 7.65 -3.24
C ALA B 49 -21.92 8.67 -7.77
N VAL B 50 -19.08 6.86 -3.60
N VAL B 50 -21.35 7.92 -8.70
CA VAL B 50 -17.79 7.43 -4.01
CA VAL B 50 -20.68 8.54 -9.83
C VAL B 50 -17.45 7.00 -5.42
C VAL B 50 -21.22 7.90 -11.08
N GLY B 51 -18.47 6.67 -6.21
N GLY B 51 -21.90 6.76 -10.90
CA GLY B 51 -18.25 6.25 -7.58
CA GLY B 51 -22.58 6.10 -11.99
C GLY B 51 -18.76 4.84 -7.83
C GLY B 51 -22.78 4.61 -11.77
N THR B 52 -18.88 4.47 -9.09
N THR B 52 -23.38 3.98 -12.78
CA THR B 52 -19.52 3.19 -9.33
CA THR B 52 -23.70 2.55 -12.77
C THR B 52 -18.68 2.24 -10.17
C THR B 52 -22.56 1.71 -13.35
N VAL B 53 -18.82 0.96 -9.84
N VAL B 53 -22.11 0.71 -12.60
CA VAL B 53 -18.07 -0.14 -10.47
CA VAL B 53 -20.97 -0.11 -13.01
C VAL B 53 -19.03 -0.89 -11.39
C VAL B 53 -21.43 -1.54 -13.30
N GLY B 54 -18.95 -0.65 -12.71
N GLY B 54 -21.18 -2.01 -14.53
CA GLY B 54 -19.95 -1.12 -13.69
CA GLY B 54 -21.71 -3.30 -15.02
C GLY B 54 -19.72 -2.49 -14.28
C GLY B 54 -20.67 -4.39 -15.28
N THR B 55 -18.46 -2.86 -14.48
N THR B 55 -19.41 -4.03 -15.00
CA THR B 55 -18.09 -4.27 -14.77
CA THR B 55 -18.23 -4.91 -15.10
C THR B 55 -16.95 -4.57 -13.81
C THR B 55 -17.22 -4.75 -13.91
N ALA B 56 -16.42 -5.79 -13.75
CA ALA B 56 -15.36 -5.98 -12.74
C ALA B 56 -14.02 -6.32 -13.37
N PRO B 57 -12.97 -5.57 -13.03
CA PRO B 57 -11.69 -5.94 -13.56
C PRO B 57 -11.02 -6.96 -12.65
N LEU B 58 -10.74 -8.14 -13.21
CA LEU B 58 -10.13 -9.26 -12.46
C LEU B 58 -8.86 -9.75 -13.09
N VAL B 59 -7.95 -10.26 -12.28
CA VAL B 59 -6.81 -11.00 -12.77
C VAL B 59 -7.00 -12.48 -12.36
N LEU B 60 -7.11 -13.36 -13.35
CA LEU B 60 -7.28 -14.79 -13.14
C LEU B 60 -5.93 -15.46 -13.10
N ILE B 61 -5.68 -16.25 -12.06
CA ILE B 61 -4.35 -16.81 -11.75
C ILE B 61 -4.37 -18.35 -11.82
N ASP B 62 -3.37 -18.90 -12.52
CA ASP B 62 -3.10 -20.33 -12.62
C ASP B 62 -1.72 -20.62 -12.14
N LEU B 63 -1.65 -21.43 -11.08
CA LEU B 63 -0.36 -21.82 -10.48
C LEU B 63 -0.05 -23.29 -10.75
N ALA B 64 0.92 -23.53 -11.65
CA ALA B 64 1.25 -24.92 -12.02
C ALA B 64 2.21 -25.50 -11.02
N THR B 65 2.11 -26.83 -10.83
CA THR B 65 2.92 -27.53 -9.85
C THR B 65 3.49 -28.83 -10.40
N SER B 66 4.52 -29.32 -9.74
CA SER B 66 5.22 -30.55 -10.14
C SER B 66 4.35 -31.81 -9.90
N ALA B 67 3.24 -31.66 -9.20
CA ALA B 67 2.33 -32.76 -8.94
C ALA B 67 1.27 -32.90 -10.03
N GLY B 68 1.31 -32.05 -11.06
CA GLY B 68 0.29 -32.08 -12.09
C GLY B 68 -0.95 -31.24 -11.87
N VAL B 69 -1.28 -30.90 -10.63
CA VAL B 69 -2.46 -30.14 -10.36
C VAL B 69 -2.16 -28.64 -10.56
N VAL B 70 -3.19 -27.88 -10.83
CA VAL B 70 -3.05 -26.42 -11.06
C VAL B 70 -3.93 -25.69 -10.07
N GLY B 71 -3.33 -24.79 -9.27
CA GLY B 71 -4.11 -23.96 -8.38
C GLY B 71 -4.73 -22.77 -9.09
N HIS B 72 -5.96 -22.42 -8.75
CA HIS B 72 -6.67 -21.31 -9.32
C HIS B 72 -7.04 -20.30 -8.25
N SER B 73 -6.84 -19.02 -8.54
CA SER B 73 -7.38 -17.96 -7.76
C SER B 73 -7.68 -16.75 -8.65
N TYR B 74 -8.28 -15.70 -8.08
CA TYR B 74 -8.35 -14.44 -8.82
C TYR B 74 -8.18 -13.24 -7.91
N LEU B 75 -7.84 -12.11 -8.54
CA LEU B 75 -7.77 -10.82 -7.87
C LEU B 75 -8.78 -9.86 -8.44
N PHE B 76 -9.24 -8.95 -7.61
CA PHE B 76 -10.12 -7.84 -7.99
C PHE B 76 -9.31 -6.57 -7.96
N ALA B 77 -9.28 -5.86 -9.10
CA ALA B 77 -8.44 -4.65 -9.22
C ALA B 77 -9.16 -3.33 -8.93
N TYR B 78 -10.46 -3.39 -8.67
CA TYR B 78 -11.35 -2.31 -8.29
C TYR B 78 -11.71 -1.34 -9.42
N THR B 79 -10.68 -0.82 -10.04
CA THR B 79 -10.78 0.08 -11.18
C THR B 79 -9.93 -0.47 -12.33
N PRO B 80 -10.44 -0.38 -13.57
CA PRO B 80 -9.58 -0.77 -14.66
C PRO B 80 -8.23 -0.10 -14.74
N VAL B 81 -8.08 1.09 -14.14
CA VAL B 81 -6.78 1.76 -14.13
C VAL B 81 -5.68 0.94 -13.54
N ALA B 82 -6.00 0.03 -12.60
CA ALA B 82 -4.97 -0.75 -11.92
C ALA B 82 -4.84 -2.16 -12.51
N LEU B 83 -5.69 -2.50 -13.48
CA LEU B 83 -5.73 -3.91 -13.98
C LEU B 83 -4.48 -4.39 -14.68
N LYS B 84 -4.01 -3.68 -15.74
CA LYS B 84 -2.79 -4.07 -16.41
C LYS B 84 -1.57 -4.06 -15.50
N SER B 85 -1.50 -3.07 -14.60
CA SER B 85 -0.39 -2.96 -13.66
C SER B 85 -0.28 -4.23 -12.75
N LEU B 86 -1.43 -4.67 -12.28
CA LEU B 86 -1.49 -5.83 -11.37
C LEU B 86 -1.08 -7.11 -12.09
N LYS B 87 -1.56 -7.30 -13.32
CA LYS B 87 -1.12 -8.46 -14.11
C LYS B 87 0.37 -8.41 -14.38
N GLN B 88 0.87 -7.23 -14.78
CA GLN B 88 2.29 -7.08 -15.04
C GLN B 88 3.15 -7.45 -13.83
N LEU B 89 2.72 -6.96 -12.66
CA LEU B 89 3.43 -7.22 -11.41
C LEU B 89 3.49 -8.73 -11.17
N LEU B 90 2.37 -9.39 -11.25
CA LEU B 90 2.34 -10.87 -11.05
C LEU B 90 3.22 -11.62 -12.02
N ASP B 91 3.18 -11.22 -13.31
CA ASP B 91 4.07 -11.86 -14.26
C ASP B 91 5.53 -11.64 -13.92
N ASP B 92 5.88 -10.47 -13.41
CA ASP B 92 7.27 -10.22 -13.04
C ASP B 92 7.64 -10.90 -11.71
N MET B 93 6.65 -11.37 -10.95
CA MET B 93 6.90 -12.18 -9.77
C MET B 93 7.03 -13.71 -10.06
N ALA B 94 6.80 -14.14 -11.29
CA ALA B 94 6.85 -15.60 -11.58
C ALA B 94 8.21 -16.15 -11.21
N ALA B 95 9.26 -15.46 -11.57
CA ALA B 95 10.59 -15.97 -11.36
C ALA B 95 10.94 -16.11 -9.88
N MET B 96 10.33 -15.33 -8.98
CA MET B 96 10.64 -15.54 -7.60
C MET B 96 9.93 -16.74 -6.97
N ILE B 97 8.85 -17.24 -7.54
CA ILE B 97 8.12 -18.37 -6.93
C ILE B 97 8.33 -19.69 -7.70
N VAL B 98 8.73 -19.61 -8.98
CA VAL B 98 8.97 -20.85 -9.75
C VAL B 98 10.15 -21.57 -9.15
N ASN B 99 9.95 -22.88 -8.92
CA ASN B 99 10.91 -23.81 -8.26
C ASN B 99 10.89 -23.74 -6.76
N GLU B 100 10.03 -22.90 -6.19
CA GLU B 100 9.90 -22.85 -4.74
C GLU B 100 8.94 -23.96 -4.38
N PRO B 101 9.07 -24.50 -3.14
CA PRO B 101 8.07 -25.47 -2.65
C PRO B 101 6.66 -24.89 -2.55
N LEU B 102 5.65 -25.73 -2.78
CA LEU B 102 4.25 -25.37 -2.65
C LEU B 102 3.89 -25.46 -1.15
N ALA B 103 4.35 -24.45 -0.45
CA ALA B 103 4.18 -24.34 1.01
C ALA B 103 3.75 -22.90 1.26
N PRO B 104 2.45 -22.65 1.25
CA PRO B 104 2.01 -21.25 1.25
C PRO B 104 2.52 -20.37 2.39
N VAL B 105 2.66 -20.93 3.59
CA VAL B 105 3.16 -20.14 4.71
C VAL B 105 4.60 -19.69 4.53
N SER B 106 5.43 -20.59 3.99
CA SER B 106 6.84 -20.34 3.80
C SER B 106 6.97 -19.37 2.61
N LEU B 107 6.10 -19.52 1.60
CA LEU B 107 6.13 -18.63 0.45
C LEU B 107 5.76 -17.18 0.83
N GLU B 108 4.78 -17.05 1.72
CA GLU B 108 4.34 -15.72 2.20
C GLU B 108 5.49 -15.04 2.94
N ALA B 109 6.20 -15.79 3.78
CA ALA B 109 7.32 -15.18 4.47
C ALA B 109 8.42 -14.67 3.51
N MET B 110 8.70 -15.46 2.49
CA MET B 110 9.65 -15.07 1.46
C MET B 110 9.23 -13.83 0.73
N LEU B 111 7.95 -13.73 0.38
CA LEU B 111 7.48 -12.57 -0.35
C LEU B 111 7.52 -11.32 0.56
N ALA B 112 7.11 -11.48 1.81
CA ALA B 112 7.20 -10.35 2.77
C ALA B 112 8.59 -9.79 2.85
N LYS B 113 9.57 -10.69 2.82
CA LYS B 113 10.97 -10.25 2.93
C LYS B 113 11.46 -9.60 1.63
N ARG B 114 11.12 -10.20 0.51
CA ARG B 114 11.53 -9.66 -0.79
C ARG B 114 11.00 -8.26 -1.03
N PHE B 115 9.80 -7.97 -0.55
CA PHE B 115 9.12 -6.69 -0.73
C PHE B 115 9.18 -5.72 0.47
N CYS B 116 10.06 -5.99 1.39
CA CYS B 116 10.35 -5.21 2.64
CA CYS B 116 10.11 -5.15 2.60
C CYS B 116 10.62 -3.74 2.32
N LEU B 117 11.37 -3.54 1.24
CA LEU B 117 11.77 -2.16 0.82
C LEU B 117 10.73 -1.43 -0.04
N ALA B 118 10.23 -2.11 -1.07
CA ALA B 118 9.21 -1.58 -1.90
C ALA B 118 7.95 -1.20 -1.12
N GLY B 119 7.63 -1.97 -0.08
CA GLY B 119 6.39 -1.75 0.68
C GLY B 119 5.42 -2.91 0.49
N TYR B 120 5.34 -3.78 1.51
CA TYR B 120 4.50 -4.97 1.34
C TYR B 120 3.05 -4.67 1.65
N THR B 121 2.44 -3.90 0.77
CA THR B 121 1.12 -3.35 0.93
C THR B 121 0.54 -3.08 -0.46
N GLY B 122 -0.69 -2.64 -0.50
CA GLY B 122 -1.31 -2.19 -1.76
C GLY B 122 -1.24 -3.29 -2.81
N LEU B 123 -0.96 -2.89 -4.04
CA LEU B 123 -0.91 -3.85 -5.15
C LEU B 123 0.02 -5.01 -4.95
N ILE B 124 1.23 -4.76 -4.43
CA ILE B 124 2.13 -5.83 -4.12
C ILE B 124 1.54 -6.88 -3.17
N ARG B 125 0.93 -6.42 -2.09
CA ARG B 125 0.35 -7.35 -1.14
C ARG B 125 -0.80 -8.14 -1.74
N MET B 126 -1.64 -7.43 -2.50
CA MET B 126 -2.73 -8.07 -3.29
C MET B 126 -2.20 -9.16 -4.23
N ALA B 127 -1.13 -8.88 -4.94
CA ALA B 127 -0.46 -9.92 -5.79
C ALA B 127 0.02 -11.12 -4.99
N ALA B 128 0.71 -10.85 -3.86
CA ALA B 128 1.08 -11.94 -2.94
C ALA B 128 -0.11 -12.75 -2.48
N ALA B 129 -1.21 -12.11 -2.16
CA ALA B 129 -2.42 -12.80 -1.72
C ALA B 129 -3.01 -13.70 -2.82
N GLY B 130 -2.92 -13.24 -4.07
CA GLY B 130 -3.44 -14.11 -5.18
C GLY B 130 -2.59 -15.36 -5.34
N ILE B 131 -1.26 -15.23 -5.18
CA ILE B 131 -0.41 -16.37 -5.15
C ILE B 131 -0.79 -17.30 -4.00
N ASP B 132 -0.96 -16.73 -2.80
CA ASP B 132 -1.35 -17.55 -1.63
C ASP B 132 -2.64 -18.35 -1.86
N MET B 133 -3.67 -17.70 -2.38
CA MET B 133 -4.96 -18.36 -2.58
C MET B 133 -4.84 -19.50 -3.61
N ALA B 134 -4.12 -19.24 -4.68
CA ALA B 134 -3.90 -20.31 -5.69
C ALA B 134 -3.01 -21.47 -5.12
N ALA B 135 -2.03 -21.14 -4.30
CA ALA B 135 -1.19 -22.17 -3.64
C ALA B 135 -1.98 -23.08 -2.68
N TRP B 136 -2.84 -22.50 -1.86
CA TRP B 136 -3.76 -23.30 -1.01
C TRP B 136 -4.78 -24.11 -1.82
N ASP B 137 -5.26 -23.56 -2.91
CA ASP B 137 -6.09 -24.36 -3.85
C ASP B 137 -5.28 -25.56 -4.37
N ALA B 138 -4.04 -25.35 -4.82
CA ALA B 138 -3.20 -26.42 -5.28
C ALA B 138 -2.91 -27.45 -4.18
N LEU B 139 -2.68 -27.00 -2.93
CA LEU B 139 -2.41 -27.94 -1.83
C LEU B 139 -3.63 -28.82 -1.49
N GLY B 140 -4.83 -28.26 -1.57
CA GLY B 140 -6.05 -29.03 -1.44
C GLY B 140 -6.13 -30.10 -2.53
N LYS B 141 -5.77 -29.72 -3.74
CA LYS B 141 -5.77 -30.65 -4.88
C LYS B 141 -4.74 -31.77 -4.72
N VAL B 142 -3.53 -31.45 -4.26
CA VAL B 142 -2.50 -32.42 -3.98
C VAL B 142 -3.03 -33.50 -3.01
N HIS B 143 -3.75 -33.06 -1.99
CA HIS B 143 -4.39 -33.96 -1.02
C HIS B 143 -5.78 -34.43 -1.31
N GLU B 144 -6.32 -34.05 -2.45
CA GLU B 144 -7.66 -34.45 -2.89
C GLU B 144 -8.75 -34.14 -1.87
N THR B 145 -8.74 -32.92 -1.30
CA THR B 145 -9.58 -32.62 -0.16
C THR B 145 -10.01 -31.16 -0.26
N PRO B 146 -11.25 -30.84 0.06
CA PRO B 146 -11.66 -29.45 0.09
C PRO B 146 -10.77 -28.66 1.06
N LEU B 147 -10.57 -27.38 0.71
CA LEU B 147 -9.76 -26.50 1.54
C LEU B 147 -10.22 -26.48 2.97
N VAL B 148 -11.53 -26.40 3.22
CA VAL B 148 -12.05 -26.39 4.58
C VAL B 148 -11.56 -27.57 5.43
N LYS B 149 -11.48 -28.77 4.85
CA LYS B 149 -10.99 -29.92 5.59
C LYS B 149 -9.50 -29.91 5.77
N LEU B 150 -8.77 -29.35 4.81
CA LEU B 150 -7.32 -29.25 4.96
C LEU B 150 -6.95 -28.28 6.12
N LEU B 151 -7.81 -27.29 6.33
CA LEU B 151 -7.66 -26.36 7.46
C LEU B 151 -8.08 -26.96 8.80
N GLY B 152 -8.61 -28.18 8.81
CA GLY B 152 -8.95 -28.88 10.05
C GLY B 152 -10.36 -28.71 10.56
N ALA B 153 -11.22 -28.13 9.73
CA ALA B 153 -12.63 -27.91 10.03
C ALA B 153 -13.58 -28.74 9.15
N ASN B 154 -14.82 -28.81 9.57
CA ASN B 154 -15.91 -29.54 8.87
C ASN B 154 -16.61 -28.47 7.98
N ALA B 155 -16.98 -28.82 6.76
CA ALA B 155 -17.99 -28.00 6.05
C ALA B 155 -19.30 -27.82 6.82
N ARG B 156 -19.86 -26.63 6.76
CA ARG B 156 -21.16 -26.39 7.31
C ARG B 156 -21.75 -25.31 6.46
N PRO B 157 -23.07 -25.20 6.42
CA PRO B 157 -23.64 -24.07 5.67
C PRO B 157 -23.34 -22.80 6.40
N VAL B 158 -23.07 -21.73 5.68
CA VAL B 158 -22.81 -20.40 6.30
C VAL B 158 -23.79 -19.33 5.84
N GLN B 159 -24.45 -18.64 6.76
CA GLN B 159 -25.47 -17.68 6.44
C GLN B 159 -24.86 -16.57 5.60
N ALA B 160 -25.58 -16.17 4.57
CA ALA B 160 -25.12 -15.16 3.61
C ALA B 160 -26.13 -14.07 3.49
N TYR B 161 -25.66 -12.85 3.27
CA TYR B 161 -26.52 -11.76 2.89
C TYR B 161 -26.30 -11.37 1.45
N ASP B 162 -27.34 -10.86 0.80
CA ASP B 162 -27.20 -10.51 -0.58
C ASP B 162 -26.85 -9.05 -0.70
N SER B 163 -25.76 -8.80 -1.37
CA SER B 163 -25.18 -7.46 -1.39
C SER B 163 -25.57 -6.65 -2.64
N HIS B 164 -26.30 -5.56 -2.41
CA HIS B 164 -26.91 -4.71 -3.44
C HIS B 164 -26.16 -3.39 -3.50
N SER B 165 -26.76 -2.34 -4.05
CA SER B 165 -25.95 -1.11 -4.36
C SER B 165 -26.76 0.14 -4.11
N LEU B 166 -26.30 1.29 -4.58
CA LEU B 166 -27.00 2.57 -4.32
C LEU B 166 -28.13 2.67 -5.34
N ASP B 167 -29.21 2.01 -5.04
CA ASP B 167 -30.13 1.55 -6.09
C ASP B 167 -31.35 2.43 -6.24
N GLY B 168 -31.63 3.26 -5.23
CA GLY B 168 -32.84 4.06 -5.17
C GLY B 168 -33.96 3.30 -4.53
N VAL B 169 -34.99 4.00 -4.09
CA VAL B 169 -36.05 3.38 -3.33
C VAL B 169 -36.71 2.21 -4.10
N LYS B 170 -36.95 2.43 -5.40
CA LYS B 170 -37.71 1.46 -6.19
C LYS B 170 -36.89 0.19 -6.39
N LEU B 171 -35.72 0.30 -7.02
CA LEU B 171 -34.92 -0.87 -7.27
C LEU B 171 -34.47 -1.56 -5.95
N ALA B 172 -34.12 -0.77 -4.91
CA ALA B 172 -33.61 -1.35 -3.65
C ALA B 172 -34.65 -2.24 -3.04
N THR B 173 -35.91 -1.77 -3.02
CA THR B 173 -37.01 -2.52 -2.46
C THR B 173 -37.32 -3.80 -3.28
N GLU B 174 -37.33 -3.68 -4.62
CA GLU B 174 -37.47 -4.85 -5.51
C GLU B 174 -36.41 -5.93 -5.24
N ARG B 175 -35.15 -5.52 -5.19
CA ARG B 175 -34.07 -6.48 -4.96
C ARG B 175 -34.15 -7.14 -3.59
N ALA B 176 -34.55 -6.38 -2.58
CA ALA B 176 -34.75 -6.95 -1.26
C ALA B 176 -35.81 -8.02 -1.29
N VAL B 177 -36.90 -7.75 -2.02
CA VAL B 177 -38.01 -8.73 -2.01
C VAL B 177 -37.58 -9.99 -2.71
N THR B 178 -36.94 -9.83 -3.85
CA THR B 178 -36.38 -10.92 -4.61
C THR B 178 -35.46 -11.79 -3.75
N ALA B 179 -34.55 -11.14 -3.02
CA ALA B 179 -33.64 -11.88 -2.15
C ALA B 179 -34.38 -12.62 -1.06
N ALA B 180 -35.35 -11.98 -0.41
CA ALA B 180 -36.10 -12.64 0.63
C ALA B 180 -36.85 -13.88 0.06
N GLU B 181 -37.39 -13.72 -1.15
CA GLU B 181 -38.10 -14.81 -1.87
CA GLU B 181 -38.13 -14.84 -1.71
C GLU B 181 -37.20 -16.01 -2.08
N LEU B 182 -35.93 -15.70 -2.39
CA LEU B 182 -34.91 -16.74 -2.59
C LEU B 182 -34.36 -17.40 -1.32
N GLY B 183 -34.73 -16.92 -0.16
CA GLY B 183 -34.28 -17.52 1.09
C GLY B 183 -33.21 -16.75 1.88
N PHE B 184 -32.70 -15.66 1.34
CA PHE B 184 -31.75 -14.82 2.11
C PHE B 184 -32.49 -14.18 3.24
N ARG B 185 -31.81 -14.07 4.39
CA ARG B 185 -32.36 -13.50 5.61
C ARG B 185 -31.86 -12.08 5.89
N ALA B 186 -30.99 -11.59 5.01
CA ALA B 186 -30.50 -10.20 5.08
C ALA B 186 -30.05 -9.72 3.72
N VAL B 187 -30.09 -8.40 3.53
CA VAL B 187 -29.49 -7.76 2.40
C VAL B 187 -28.64 -6.57 2.85
N LYS B 188 -27.69 -6.17 2.01
CA LYS B 188 -26.99 -4.90 2.22
C LYS B 188 -27.31 -3.94 1.12
N THR B 189 -27.63 -2.72 1.49
CA THR B 189 -27.74 -1.64 0.52
C THR B 189 -26.68 -0.57 0.74
N LYS B 190 -26.32 0.11 -0.33
CA LYS B 190 -25.28 1.17 -0.30
C LYS B 190 -26.00 2.45 -0.14
N ILE B 191 -25.58 3.24 0.85
CA ILE B 191 -26.16 4.53 1.09
C ILE B 191 -25.12 5.65 1.07
N GLY B 192 -25.54 6.86 1.45
CA GLY B 192 -24.72 8.02 1.18
C GLY B 192 -25.26 8.84 0.03
N TYR B 193 -26.58 8.91 -0.04
CA TYR B 193 -27.21 9.83 -0.98
C TYR B 193 -26.93 11.26 -0.54
N PRO B 194 -27.15 12.24 -1.45
CA PRO B 194 -26.94 13.64 -1.07
C PRO B 194 -27.63 14.08 0.23
N ALA B 195 -28.82 13.56 0.53
CA ALA B 195 -29.55 13.91 1.73
C ALA B 195 -29.74 12.72 2.63
N LEU B 196 -29.52 12.90 3.95
CA LEU B 196 -29.92 11.90 4.93
C LEU B 196 -31.35 11.42 4.70
N ASP B 197 -32.28 12.33 4.40
CA ASP B 197 -33.66 11.86 4.21
C ASP B 197 -33.80 10.77 3.15
N GLN B 198 -33.00 10.83 2.09
CA GLN B 198 -32.96 9.79 1.06
C GLN B 198 -32.43 8.45 1.60
N ASP B 199 -31.35 8.48 2.41
CA ASP B 199 -30.89 7.23 3.06
C ASP B 199 -32.02 6.57 3.84
N LEU B 200 -32.74 7.38 4.59
CA LEU B 200 -33.78 6.90 5.47
C LEU B 200 -34.97 6.38 4.64
N ALA B 201 -35.25 7.06 3.53
CA ALA B 201 -36.39 6.65 2.67
C ALA B 201 -36.13 5.25 2.09
N VAL B 202 -34.90 4.98 1.66
CA VAL B 202 -34.54 3.67 1.13
C VAL B 202 -34.65 2.56 2.18
N VAL B 203 -34.07 2.79 3.36
CA VAL B 203 -34.13 1.82 4.43
C VAL B 203 -35.59 1.55 4.88
N ARG B 204 -36.40 2.59 5.04
CA ARG B 204 -37.82 2.42 5.41
C ARG B 204 -38.63 1.59 4.39
N SER B 205 -38.44 1.85 3.11
CA SER B 205 -39.13 1.12 2.04
C SER B 205 -38.65 -0.35 1.96
N ILE B 206 -37.37 -0.61 2.21
CA ILE B 206 -36.96 -1.99 2.34
C ILE B 206 -37.65 -2.66 3.49
N ARG B 207 -37.62 -2.02 4.68
CA ARG B 207 -38.10 -2.60 5.92
C ARG B 207 -39.61 -2.95 5.78
N GLN B 208 -40.36 -2.06 5.13
CA GLN B 208 -41.79 -2.27 4.86
C GLN B 208 -41.97 -3.51 4.00
N ALA B 209 -41.17 -3.68 2.97
CA ALA B 209 -41.27 -4.84 2.11
C ALA B 209 -40.77 -6.17 2.65
N VAL B 210 -39.90 -6.20 3.67
CA VAL B 210 -39.32 -7.46 4.16
C VAL B 210 -39.69 -7.82 5.62
N GLY B 211 -40.23 -6.87 6.39
CA GLY B 211 -40.55 -7.12 7.81
C GLY B 211 -39.41 -6.91 8.80
N ASP B 212 -39.73 -7.02 10.09
CA ASP B 212 -38.79 -6.74 11.16
C ASP B 212 -37.78 -7.83 11.45
N ASP B 213 -38.13 -9.03 11.00
CA ASP B 213 -37.34 -10.23 11.20
C ASP B 213 -36.46 -10.44 9.96
N PHE B 214 -35.69 -9.42 9.61
CA PHE B 214 -34.88 -9.45 8.40
C PHE B 214 -33.71 -8.48 8.60
N GLY B 215 -32.55 -8.87 8.15
CA GLY B 215 -31.35 -7.97 8.26
C GLY B 215 -31.29 -6.95 7.15
N ILE B 216 -31.05 -5.68 7.49
CA ILE B 216 -30.70 -4.66 6.54
C ILE B 216 -29.36 -4.02 7.00
N MET B 217 -28.30 -4.45 6.35
CA MET B 217 -26.97 -3.85 6.52
C MET B 217 -26.88 -2.62 5.61
N VAL B 218 -26.19 -1.55 6.03
CA VAL B 218 -26.00 -0.38 5.18
C VAL B 218 -24.52 -0.03 5.07
N ASP B 219 -24.11 0.40 3.89
CA ASP B 219 -22.70 0.71 3.55
C ASP B 219 -22.56 2.14 3.01
N TYR B 220 -21.75 2.94 3.75
CA TYR B 220 -21.43 4.30 3.39
C TYR B 220 -20.20 4.47 2.49
N ASN B 221 -19.42 3.42 2.31
CA ASN B 221 -18.24 3.43 1.42
C ASN B 221 -17.40 4.66 1.63
N GLN B 222 -17.15 4.97 2.90
CA GLN B 222 -16.15 5.93 3.36
C GLN B 222 -16.57 7.36 3.04
N SER B 223 -17.85 7.58 2.75
CA SER B 223 -18.30 8.83 2.16
C SER B 223 -18.53 10.01 3.12
N LEU B 224 -18.54 9.77 4.42
CA LEU B 224 -18.83 10.81 5.41
C LEU B 224 -17.64 11.18 6.30
N ASP B 225 -17.59 12.45 6.68
CA ASP B 225 -16.68 12.90 7.73
C ASP B 225 -17.25 12.45 9.07
N VAL B 226 -16.44 12.50 10.14
CA VAL B 226 -16.89 11.99 11.45
C VAL B 226 -18.22 12.61 11.98
N PRO B 227 -18.31 13.94 11.99
CA PRO B 227 -19.59 14.49 12.52
C PRO B 227 -20.81 14.11 11.68
N ALA B 228 -20.64 14.13 10.38
CA ALA B 228 -21.74 13.72 9.47
C ALA B 228 -22.14 12.24 9.70
N ALA B 229 -21.13 11.40 9.92
CA ALA B 229 -21.34 9.99 10.18
C ALA B 229 -22.07 9.78 11.50
N ILE B 230 -21.77 10.61 12.51
CA ILE B 230 -22.45 10.47 13.83
C ILE B 230 -23.95 10.82 13.64
N LYS B 231 -24.21 11.89 12.94
CA LYS B 231 -25.61 12.37 12.74
C LYS B 231 -26.40 11.36 11.89
N ARG B 232 -25.88 10.99 10.74
CA ARG B 232 -26.54 10.01 9.82
C ARG B 232 -26.71 8.69 10.52
N SER B 233 -25.64 8.22 11.19
CA SER B 233 -25.74 6.90 11.83
C SER B 233 -26.74 6.83 12.99
N GLN B 234 -26.89 7.86 13.82
CA GLN B 234 -27.80 7.84 14.93
C GLN B 234 -29.25 7.84 14.35
N ALA B 235 -29.42 8.51 13.21
CA ALA B 235 -30.78 8.52 12.57
C ALA B 235 -31.06 7.13 12.01
N LEU B 236 -30.08 6.51 11.36
CA LEU B 236 -30.26 5.12 10.84
C LEU B 236 -30.51 4.12 11.97
N GLN B 237 -29.81 4.33 13.10
CA GLN B 237 -29.98 3.51 14.26
C GLN B 237 -31.42 3.53 14.77
N GLN B 238 -32.05 4.70 14.75
CA GLN B 238 -33.48 4.83 15.13
C GLN B 238 -34.39 4.02 14.23
N GLU B 239 -34.01 3.91 12.97
CA GLU B 239 -34.80 3.14 11.98
C GLU B 239 -34.69 1.70 12.20
N GLY B 240 -33.54 1.21 12.66
CA GLY B 240 -33.31 -0.19 12.83
C GLY B 240 -32.55 -0.65 11.60
N VAL B 241 -31.22 -0.75 11.73
CA VAL B 241 -30.36 -1.38 10.72
C VAL B 241 -29.45 -2.36 11.46
N THR B 242 -28.84 -3.28 10.73
CA THR B 242 -28.11 -4.37 11.30
C THR B 242 -26.65 -3.98 11.62
N TRP B 243 -26.07 -3.17 10.75
CA TRP B 243 -24.74 -2.56 10.96
C TRP B 243 -24.53 -1.38 10.06
N ILE B 244 -23.56 -0.53 10.42
CA ILE B 244 -23.16 0.60 9.60
C ILE B 244 -21.75 0.42 9.17
N GLU B 245 -21.58 0.22 7.87
CA GLU B 245 -20.27 -0.12 7.30
C GLU B 245 -19.50 1.08 6.71
N GLU B 246 -18.19 1.08 7.02
CA GLU B 246 -17.29 2.12 6.56
C GLU B 246 -17.89 3.50 6.48
N PRO B 247 -18.27 4.08 7.63
CA PRO B 247 -18.84 5.42 7.63
C PRO B 247 -17.85 6.49 7.18
N THR B 248 -16.53 6.35 7.44
CA THR B 248 -15.58 7.34 7.03
C THR B 248 -14.33 6.73 6.37
N LEU B 249 -13.31 7.56 6.14
CA LEU B 249 -12.09 7.15 5.44
C LEU B 249 -11.57 5.88 6.10
N GLN B 250 -11.28 4.88 5.27
CA GLN B 250 -11.00 3.55 5.76
C GLN B 250 -9.76 3.50 6.68
N HIS B 251 -8.78 4.33 6.39
CA HIS B 251 -7.53 4.31 7.19
C HIS B 251 -7.69 5.02 8.53
N ASP B 252 -8.81 5.72 8.73
CA ASP B 252 -8.97 6.54 9.91
C ASP B 252 -9.62 5.70 11.00
N TYR B 253 -8.80 4.93 11.67
CA TYR B 253 -9.28 4.04 12.75
C TYR B 253 -9.76 4.84 13.94
N GLU B 254 -9.07 5.94 14.28
CA GLU B 254 -9.48 6.76 15.41
C GLU B 254 -10.84 7.38 15.13
N GLY B 255 -11.04 7.80 13.88
CA GLY B 255 -12.38 8.35 13.53
C GLY B 255 -13.48 7.32 13.59
N HIS B 256 -13.23 6.10 13.13
CA HIS B 256 -14.20 5.02 13.28
C HIS B 256 -14.47 4.78 14.76
N GLN B 257 -13.43 4.84 15.61
CA GLN B 257 -13.66 4.71 17.07
CA GLN B 257 -13.66 4.71 17.06
C GLN B 257 -14.61 5.80 17.59
N ARG B 258 -14.38 7.03 17.16
CA ARG B 258 -15.19 8.15 17.65
C ARG B 258 -16.66 7.97 17.19
N ILE B 259 -16.84 7.53 15.97
CA ILE B 259 -18.19 7.23 15.45
C ILE B 259 -18.84 6.07 16.25
N GLN B 260 -18.12 4.99 16.46
CA GLN B 260 -18.63 3.86 17.25
C GLN B 260 -18.99 4.25 18.66
N SER B 261 -18.23 5.18 19.23
CA SER B 261 -18.43 5.62 20.61
C SER B 261 -19.82 6.26 20.81
N LYS B 262 -20.39 6.74 19.73
CA LYS B 262 -21.71 7.42 19.73
C LYS B 262 -22.86 6.54 19.32
N LEU B 263 -22.59 5.24 19.12
CA LEU B 263 -23.60 4.32 18.57
C LEU B 263 -23.76 3.06 19.43
N ASN B 264 -25.00 2.59 19.48
CA ASN B 264 -25.35 1.23 19.92
C ASN B 264 -25.21 0.20 18.82
N VAL B 265 -25.72 0.49 17.61
CA VAL B 265 -25.53 -0.32 16.43
C VAL B 265 -24.04 -0.53 16.19
N PRO B 266 -23.63 -1.71 15.69
CA PRO B 266 -22.19 -1.93 15.43
C PRO B 266 -21.70 -1.24 14.15
N VAL B 267 -20.51 -0.63 14.27
CA VAL B 267 -19.73 -0.21 13.12
C VAL B 267 -19.02 -1.44 12.59
N GLN B 268 -19.08 -1.62 11.27
CA GLN B 268 -18.45 -2.69 10.54
C GLN B 268 -17.41 -2.11 9.63
N MET B 269 -16.25 -2.75 9.53
CA MET B 269 -15.20 -2.34 8.60
C MET B 269 -14.26 -3.49 8.40
N GLY B 270 -13.29 -3.32 7.51
CA GLY B 270 -12.19 -4.26 7.37
C GLY B 270 -11.91 -4.70 5.94
N GLU B 271 -12.81 -4.42 5.03
CA GLU B 271 -12.57 -4.81 3.63
C GLU B 271 -11.34 -4.19 3.04
N ASN B 272 -10.91 -3.04 3.61
CA ASN B 272 -9.72 -2.36 3.15
C ASN B 272 -8.45 -2.55 3.95
N TRP B 273 -8.47 -3.41 4.98
CA TRP B 273 -7.21 -3.74 5.68
C TRP B 273 -6.28 -4.52 4.80
N LEU B 274 -5.07 -4.01 4.61
CA LEU B 274 -4.03 -4.69 3.88
C LEU B 274 -3.14 -5.40 4.85
N GLY B 275 -3.44 -6.70 5.02
CA GLY B 275 -2.78 -7.52 5.98
C GLY B 275 -3.37 -7.51 7.40
N PRO B 276 -3.14 -8.60 8.13
CA PRO B 276 -3.62 -8.66 9.50
C PRO B 276 -3.02 -7.58 10.39
N GLU B 277 -1.87 -7.03 9.99
CA GLU B 277 -1.28 -5.95 10.80
C GLU B 277 -2.10 -4.69 10.83
N GLU B 278 -2.84 -4.41 9.76
CA GLU B 278 -3.76 -3.29 9.74
CA GLU B 278 -3.78 -3.27 9.70
C GLU B 278 -4.99 -3.57 10.56
N MET B 279 -5.52 -4.80 10.48
CA MET B 279 -6.58 -5.23 11.36
C MET B 279 -6.23 -5.06 12.83
N PHE B 280 -5.03 -5.50 13.20
CA PHE B 280 -4.56 -5.40 14.57
C PHE B 280 -4.53 -3.97 15.06
N LYS B 281 -4.03 -3.06 14.25
CA LYS B 281 -4.04 -1.65 14.61
C LYS B 281 -5.45 -1.08 14.86
N ALA B 282 -6.38 -1.42 14.00
CA ALA B 282 -7.78 -1.00 14.14
C ALA B 282 -8.46 -1.57 15.35
N LEU B 283 -8.33 -2.88 15.58
CA LEU B 283 -8.95 -3.47 16.76
C LEU B 283 -8.31 -3.01 18.09
N SER B 284 -7.00 -2.72 18.05
CA SER B 284 -6.27 -2.29 19.22
C SER B 284 -6.79 -0.95 19.77
N ILE B 285 -7.42 -0.12 18.94
CA ILE B 285 -7.97 1.13 19.40
C ILE B 285 -9.49 1.19 19.41
N GLY B 286 -10.12 0.07 19.16
CA GLY B 286 -11.57 0.03 19.26
C GLY B 286 -12.31 0.70 18.16
N ALA B 287 -11.84 0.54 16.93
CA ALA B 287 -12.44 1.18 15.76
C ALA B 287 -13.84 0.66 15.43
N CYS B 288 -14.13 -0.60 15.78
CA CYS B 288 -15.35 -1.22 15.24
C CYS B 288 -15.77 -2.34 16.16
N ARG B 289 -17.03 -2.75 16.13
CA ARG B 289 -17.44 -3.90 16.89
C ARG B 289 -17.69 -5.16 16.03
N LEU B 290 -17.59 -5.01 14.71
CA LEU B 290 -17.63 -6.09 13.74
C LEU B 290 -16.45 -5.91 12.78
N ALA B 291 -15.98 -7.00 12.17
CA ALA B 291 -14.96 -7.03 11.17
C ALA B 291 -15.38 -7.85 9.95
N MET B 292 -14.94 -7.40 8.80
CA MET B 292 -15.11 -8.16 7.56
C MET B 292 -13.87 -8.08 6.65
N PRO B 293 -12.86 -8.90 6.96
CA PRO B 293 -11.70 -8.93 6.06
C PRO B 293 -12.06 -9.39 4.63
N ASP B 294 -11.27 -8.90 3.71
CA ASP B 294 -11.30 -9.27 2.27
C ASP B 294 -10.24 -10.31 2.02
N ALA B 295 -10.62 -11.49 1.52
CA ALA B 295 -9.67 -12.56 1.38
C ALA B 295 -8.39 -12.19 0.63
N MET B 296 -8.50 -11.31 -0.37
CA MET B 296 -7.31 -10.83 -1.06
C MET B 296 -6.52 -9.80 -0.22
N LYS B 297 -7.16 -8.73 0.22
CA LYS B 297 -6.37 -7.66 0.94
C LYS B 297 -5.79 -8.11 2.26
N ILE B 298 -6.50 -9.03 2.94
CA ILE B 298 -6.01 -9.55 4.25
C ILE B 298 -4.79 -10.41 4.10
N GLY B 299 -4.44 -10.89 2.89
CA GLY B 299 -3.27 -11.74 2.67
C GLY B 299 -3.57 -13.21 2.32
N GLY B 300 -4.73 -13.44 1.70
CA GLY B 300 -5.13 -14.80 1.23
C GLY B 300 -5.56 -15.65 2.40
N VAL B 301 -5.42 -16.96 2.23
CA VAL B 301 -5.77 -17.88 3.28
C VAL B 301 -4.84 -17.69 4.49
N THR B 302 -3.55 -17.57 4.24
CA THR B 302 -2.58 -17.40 5.28
C THR B 302 -2.95 -16.20 6.17
N GLY B 303 -3.22 -15.08 5.54
CA GLY B 303 -3.61 -13.87 6.26
C GLY B 303 -4.96 -13.97 6.91
N TRP B 304 -5.90 -14.63 6.25
CA TRP B 304 -7.24 -14.79 6.83
C TRP B 304 -7.21 -15.57 8.14
N ILE B 305 -6.44 -16.65 8.17
CA ILE B 305 -6.33 -17.53 9.38
C ILE B 305 -5.74 -16.71 10.54
N ARG B 306 -4.69 -15.90 10.25
CA ARG B 306 -4.21 -14.90 11.25
C ARG B 306 -5.26 -13.96 11.72
N ALA B 307 -5.99 -13.34 10.79
CA ALA B 307 -7.07 -12.46 11.14
C ALA B 307 -8.07 -13.12 12.04
N SER B 308 -8.45 -14.37 11.71
CA SER B 308 -9.44 -15.10 12.50
C SER B 308 -9.00 -15.27 13.95
N ALA B 309 -7.70 -15.50 14.18
CA ALA B 309 -7.17 -15.57 15.55
C ALA B 309 -7.34 -14.23 16.26
N LEU B 310 -7.05 -13.12 15.58
CA LEU B 310 -7.21 -11.80 16.17
C LEU B 310 -8.68 -11.49 16.53
N ALA B 311 -9.59 -11.75 15.58
CA ALA B 311 -10.98 -11.48 15.79
C ALA B 311 -11.50 -12.28 17.01
N GLN B 312 -11.03 -13.50 17.16
CA GLN B 312 -11.42 -14.35 18.29
C GLN B 312 -11.01 -13.65 19.61
N GLN B 313 -9.73 -13.26 19.73
CA GLN B 313 -9.25 -12.68 20.98
C GLN B 313 -9.91 -11.36 21.31
N PHE B 314 -10.11 -10.51 20.32
CA PHE B 314 -10.71 -9.21 20.52
C PHE B 314 -12.24 -9.28 20.61
N GLY B 315 -12.81 -10.48 20.50
CA GLY B 315 -14.26 -10.64 20.64
C GLY B 315 -15.09 -9.97 19.54
N ILE B 316 -14.61 -10.12 18.29
CA ILE B 316 -15.21 -9.45 17.13
C ILE B 316 -15.79 -10.50 16.16
N PRO B 317 -17.11 -10.49 15.99
CA PRO B 317 -17.69 -11.36 14.98
C PRO B 317 -17.18 -11.02 13.62
N MET B 318 -16.74 -12.02 12.86
CA MET B 318 -16.01 -11.81 11.64
C MET B 318 -16.77 -12.33 10.40
N SER B 319 -17.05 -11.43 9.47
CA SER B 319 -17.68 -11.73 8.20
C SER B 319 -16.66 -11.65 7.05
N SER B 320 -17.12 -11.92 5.80
CA SER B 320 -16.23 -11.84 4.63
C SER B 320 -16.58 -10.62 3.78
N HIS B 321 -15.67 -10.29 2.87
CA HIS B 321 -15.89 -9.24 1.89
C HIS B 321 -15.53 -9.83 0.53
N LEU B 322 -16.51 -9.92 -0.36
CA LEU B 322 -16.30 -10.47 -1.72
C LEU B 322 -15.66 -11.85 -1.63
N PHE B 323 -15.09 -12.35 -2.74
CA PHE B 323 -14.36 -13.64 -2.77
C PHE B 323 -15.22 -14.75 -2.16
N GLN B 324 -16.48 -14.82 -2.63
CA GLN B 324 -17.43 -15.74 -1.98
C GLN B 324 -17.02 -17.21 -2.09
N GLU B 325 -16.31 -17.56 -3.18
CA GLU B 325 -15.94 -18.95 -3.41
C GLU B 325 -15.00 -19.51 -2.33
N ILE B 326 -13.99 -18.73 -2.00
CA ILE B 326 -13.03 -19.13 -1.00
C ILE B 326 -13.55 -18.77 0.40
N SER B 327 -14.33 -17.71 0.53
CA SER B 327 -14.78 -17.24 1.85
C SER B 327 -15.72 -18.26 2.52
N ALA B 328 -16.46 -19.03 1.72
CA ALA B 328 -17.28 -20.08 2.31
C ALA B 328 -16.44 -21.12 3.07
N HIS B 329 -15.31 -21.56 2.49
CA HIS B 329 -14.36 -22.42 3.15
C HIS B 329 -13.77 -21.71 4.42
N LEU B 330 -13.32 -20.47 4.24
CA LEU B 330 -12.59 -19.82 5.31
C LEU B 330 -13.46 -19.56 6.51
N LEU B 331 -14.69 -19.09 6.28
CA LEU B 331 -15.60 -18.84 7.37
C LEU B 331 -15.95 -20.07 8.17
N ALA B 332 -15.99 -21.24 7.53
CA ALA B 332 -16.17 -22.50 8.25
C ALA B 332 -15.05 -22.84 9.22
N ALA B 333 -13.87 -22.27 9.01
CA ALA B 333 -12.74 -22.41 9.93
C ALA B 333 -12.50 -21.18 10.86
N THR B 334 -13.42 -20.26 10.92
CA THR B 334 -13.27 -18.98 11.64
C THR B 334 -14.06 -19.08 12.94
N PRO B 335 -13.38 -18.97 14.08
CA PRO B 335 -14.09 -19.12 15.35
C PRO B 335 -15.25 -18.17 15.57
N THR B 336 -15.17 -16.91 15.12
CA THR B 336 -16.25 -15.97 15.33
C THR B 336 -17.00 -15.69 14.02
N ALA B 337 -17.01 -16.66 13.10
CA ALA B 337 -17.76 -16.50 11.84
C ALA B 337 -19.12 -15.90 12.03
N HIS B 338 -19.42 -14.90 11.21
CA HIS B 338 -20.64 -14.15 11.30
C HIS B 338 -21.47 -14.33 9.98
N TRP B 339 -21.22 -13.50 8.97
CA TRP B 339 -21.89 -13.54 7.65
C TRP B 339 -20.96 -13.68 6.48
N LEU B 340 -21.43 -14.39 5.46
CA LEU B 340 -20.75 -14.42 4.14
C LEU B 340 -21.43 -13.37 3.28
N GLU B 341 -20.63 -12.53 2.64
CA GLU B 341 -21.14 -11.58 1.67
C GLU B 341 -21.32 -12.24 0.31
N ARG B 342 -22.58 -12.28 -0.18
CA ARG B 342 -22.83 -12.76 -1.55
C ARG B 342 -22.80 -11.55 -2.49
N LEU B 343 -21.75 -11.50 -3.28
CA LEU B 343 -21.58 -10.48 -4.32
C LEU B 343 -20.73 -11.15 -5.36
N ASP B 344 -21.40 -11.66 -6.39
CA ASP B 344 -20.78 -12.57 -7.30
C ASP B 344 -20.07 -11.86 -8.42
N LEU B 345 -18.80 -11.52 -8.21
CA LEU B 345 -18.02 -10.78 -9.19
C LEU B 345 -17.54 -11.61 -10.37
N ALA B 346 -17.23 -12.88 -10.13
CA ALA B 346 -16.55 -13.75 -11.07
C ALA B 346 -17.44 -14.84 -11.68
N GLY B 347 -18.76 -14.77 -11.47
CA GLY B 347 -19.64 -15.88 -11.97
C GLY B 347 -19.62 -16.01 -13.50
N SER B 348 -19.29 -14.94 -14.21
CA SER B 348 -19.20 -15.02 -15.66
CA SER B 348 -19.18 -15.00 -15.66
C SER B 348 -18.04 -15.91 -16.12
N VAL B 349 -17.04 -16.14 -15.26
CA VAL B 349 -15.87 -16.94 -15.62
C VAL B 349 -15.51 -18.16 -14.71
N ILE B 350 -16.31 -18.39 -13.68
CA ILE B 350 -16.14 -19.49 -12.75
C ILE B 350 -17.44 -20.30 -12.71
N GLU B 351 -17.33 -21.62 -12.76
CA GLU B 351 -18.51 -22.49 -12.67
C GLU B 351 -19.24 -22.28 -11.33
N PRO B 352 -20.58 -22.31 -11.34
CA PRO B 352 -21.41 -22.13 -10.14
C PRO B 352 -21.43 -23.37 -9.23
N THR B 353 -20.28 -23.79 -8.74
CA THR B 353 -20.20 -24.91 -7.83
C THR B 353 -20.59 -24.52 -6.38
N LEU B 354 -20.35 -23.27 -6.00
CA LEU B 354 -20.89 -22.75 -4.76
C LEU B 354 -22.38 -22.50 -4.95
N THR B 355 -23.19 -23.04 -4.05
CA THR B 355 -24.64 -22.86 -4.08
C THR B 355 -25.13 -22.23 -2.82
N PHE B 356 -26.36 -21.74 -2.88
CA PHE B 356 -27.05 -21.14 -1.76
C PHE B 356 -28.34 -21.86 -1.52
N GLU B 357 -28.55 -22.33 -0.30
CA GLU B 357 -29.80 -22.91 0.04
C GLU B 357 -30.31 -22.42 1.37
N GLY B 358 -31.54 -21.92 1.33
CA GLY B 358 -32.12 -21.32 2.52
C GLY B 358 -31.31 -20.12 3.02
N GLY B 359 -30.69 -19.43 2.08
CA GLY B 359 -29.87 -18.26 2.35
C GLY B 359 -28.48 -18.57 2.85
N ASN B 360 -28.11 -19.85 2.89
CA ASN B 360 -26.78 -20.29 3.37
C ASN B 360 -25.91 -20.74 2.22
N ALA B 361 -24.66 -20.31 2.25
CA ALA B 361 -23.71 -20.82 1.33
C ALA B 361 -23.33 -22.27 1.65
N VAL B 362 -23.28 -23.06 0.58
CA VAL B 362 -22.89 -24.47 0.69
C VAL B 362 -21.61 -24.71 -0.06
N ILE B 363 -20.58 -25.15 0.66
CA ILE B 363 -19.28 -25.39 0.10
C ILE B 363 -19.34 -26.62 -0.84
N PRO B 364 -18.84 -26.52 -2.07
CA PRO B 364 -18.92 -27.74 -2.90
C PRO B 364 -17.96 -28.84 -2.45
N ASP B 365 -18.35 -30.09 -2.67
CA ASP B 365 -17.43 -31.18 -2.39
C ASP B 365 -16.44 -31.39 -3.54
N LEU B 366 -15.45 -30.52 -3.62
CA LEU B 366 -14.44 -30.57 -4.65
C LEU B 366 -13.13 -30.28 -3.94
N PRO B 367 -12.03 -30.79 -4.48
CA PRO B 367 -10.74 -30.50 -3.88
C PRO B 367 -10.36 -29.02 -3.94
N GLY B 368 -9.57 -28.57 -2.96
CA GLY B 368 -9.25 -27.15 -2.89
C GLY B 368 -10.48 -26.29 -2.75
N VAL B 369 -10.51 -25.17 -3.49
CA VAL B 369 -11.51 -24.14 -3.31
C VAL B 369 -12.79 -24.47 -4.06
N GLY B 370 -12.65 -25.33 -5.09
CA GLY B 370 -13.78 -25.62 -5.97
C GLY B 370 -14.01 -24.64 -7.09
N ILE B 371 -12.98 -23.88 -7.44
CA ILE B 371 -13.05 -22.97 -8.58
C ILE B 371 -12.62 -23.76 -9.82
N ILE B 372 -13.48 -23.70 -10.83
CA ILE B 372 -13.21 -24.29 -12.17
C ILE B 372 -13.52 -23.23 -13.20
N TRP B 373 -12.58 -22.95 -14.09
CA TRP B 373 -12.76 -21.85 -15.01
C TRP B 373 -13.81 -22.21 -16.11
N ARG B 374 -14.55 -21.22 -16.53
CA ARG B 374 -15.39 -21.33 -17.75
C ARG B 374 -14.51 -20.91 -18.90
N GLU B 375 -13.73 -21.84 -19.42
CA GLU B 375 -12.67 -21.49 -20.35
C GLU B 375 -13.12 -20.86 -21.64
N LYS B 376 -14.30 -21.23 -22.11
CA LYS B 376 -14.85 -20.63 -23.31
C LYS B 376 -15.40 -19.21 -23.06
N GLU B 377 -15.75 -18.85 -21.82
CA GLU B 377 -16.24 -17.50 -21.56
C GLU B 377 -15.11 -16.47 -21.39
N ILE B 378 -13.94 -16.91 -20.95
CA ILE B 378 -12.84 -15.99 -20.56
C ILE B 378 -12.38 -15.20 -21.76
N GLY B 379 -12.24 -15.89 -22.90
CA GLY B 379 -11.87 -15.26 -24.17
C GLY B 379 -12.69 -14.03 -24.54
N LYS B 380 -13.95 -13.99 -24.14
CA LYS B 380 -14.79 -12.86 -24.42
C LYS B 380 -14.39 -11.57 -23.70
N TYR B 381 -13.65 -11.70 -22.59
CA TYR B 381 -13.50 -10.56 -21.65
C TYR B 381 -12.09 -10.05 -21.41
N LEU B 382 -11.14 -10.65 -22.12
CA LEU B 382 -9.72 -10.30 -22.04
CA LEU B 382 -9.75 -10.29 -21.96
C LEU B 382 -9.53 -8.85 -22.35
N VAL B 383 -8.66 -8.20 -21.61
CA VAL B 383 -8.41 -6.79 -21.81
C VAL B 383 -7.30 -6.67 -22.85
MG MG C . 17.02 3.69 5.44
C1 TTN D . 18.27 4.61 3.24
C2 TTN D . 17.36 3.45 2.93
C3 TTN D . 17.33 3.16 1.46
O1 TTN D . 19.21 4.84 2.45
O2 TTN D . 18.05 5.29 4.26
O3 TTN D . 17.80 2.29 3.64
O4 TTN D . 18.41 2.84 0.90
O5 TTN D . 16.25 3.24 0.85
MG MG E . -18.28 -2.34 1.74
C1 TTN F . -17.80 -3.29 -2.07
C2 TTN F . -18.58 -2.84 -0.94
C3 TTN F . -19.05 -4.09 -0.17
O1 TTN F . -16.66 -3.52 -1.86
O2 TTN F . -18.37 -3.39 -3.21
O3 TTN F . -17.92 -1.88 -0.16
O4 TTN F . -19.50 -5.03 -0.77
O5 TTN F . -19.03 -4.14 1.01
#